data_9JUP
#
_entry.id   9JUP
#
_cell.length_a   1.00
_cell.length_b   1.00
_cell.length_c   1.00
_cell.angle_alpha   90.00
_cell.angle_beta   90.00
_cell.angle_gamma   90.00
#
_symmetry.space_group_name_H-M   'P 1'
#
loop_
_entity.id
_entity.type
_entity.pdbx_description
1 polymer 'ABC transporter B family member 1'
2 non-polymer 'MAGNESIUM ION'
3 non-polymer 'PHOSPHOAMINOPHOSPHONIC ACID-ADENYLATE ESTER'
#
_entity_poly.entity_id   1
_entity_poly.type   'polypeptide(L)'
_entity_poly.pdbx_seq_one_letter_code
;MDYKDDDDKWSHPQFEKGGGGSGGSAWSHPQFEKEFKGLVDMDNDGGAPPPPPTLVVEEPKKAEIRGVAFKELFRFADGL
DYVLMGIGSVGAFVHGCSLPLFLRFFADLVNSFGSNSNNVEKMMEEVLKYALYFLVVGAAIWASSWAEISCWMWSGERQT
TKMRIKYLEAALNQDIQFFDTEVRTSDVVFAINTDAVMVQDAISEKLGNFIHYMATFVSGFIVGFTAVWQLALVTLAVVP
LIAVIGGIHTTTLSKLSNKSQESLSQAGNIVEQTVVQIRVVMAFVGESRASQAYSSALKIAQKLGYKTGLAKGMGLGATY
FVVFCCYALLLWYGGYLVRHHLTNGGLAIATMFAVMIGGLALGQSAPSMAAFAKAKVAAAKIFRIIDHKPTIERNSESGV
ELDSVTGLVELKNVDFSYPSRPDVKILNNFCLSVPAGKTIALVGSSGSGKSTVVSLIERFYDPNSGQVLLDGQDLKTLKL
RWLRQQIGLVSQEPALFATSIKENILLGRPDADQVEIEEAARVANAHSFIIKLPDGFDTQVGERGLQLSGGQKQRIAIAR
AMLKNPAILLLDEATSALDSESEKLVQEALDRFMIGRTTLIIAHRLSTIRKADLVAVLQQGSVSEIGTHDELFSKGENGV
YAKLIKMQEAAHETAMSNARKSSARPSSARNSVSSPIMTRNSSYGRSPYSRRLSDFSTSDFSLSIDASSYPNYRNEKLAF
KDQANSFWRLAKMNSPEWKYALLGSVGSVICGSLSAFFAYVLSAVLSVYYNPDHEYMIKQIDKYCYLLIGLSSAALVFNT
LQHSFWDIVGENLTKRVREKMLSAVLKNEMAWFDQEENESARIAARLALDANNVRSAIGDRISVIVQNTALMLVACTAGF
VLQWRLALVLVAVFPVVVAATVLQKMFMTGFSGDLEAAHAKGTQLAGEAIANVRTVAAFNSEAKIVRLYTANLEPPLKRC
FWKGQIAGSGYGVAQFCLYASYALGLWYASWLVKHGISDFSKTIRVFMVLMVSANGAAETLTLAPDFIKGGQAMRSVFEL
LDRKTEIEPDDPDTTPVPDRLRGEVELKHIDFSYPSRPDIQIFRDLSLRARAGKTLALVGPSGCGKSSVISLIQRFYEPS
SGRVMIDGKDIRKYNLKAIRKHIAIVPQEPCLFGTTIYENIAYGHECATEAEIIQAATLASAHKFISALPEGYKTYVGER
GVQLSGGQKQRIAIARALVRKAEIMLLDEATSALDAESERSVQEALDQACSGRTSIVVAHRLSTIRNAHVIAVIDDGKVA
EQGSHSHLLKNHPDGIYARMIQLQRFTHTQVIGMTSGSSSRVKEDDA
;
_entity_poly.pdbx_strand_id   A
#
loop_
_chem_comp.id
_chem_comp.type
_chem_comp.name
_chem_comp.formula
ANP non-polymer 'PHOSPHOAMINOPHOSPHONIC ACID-ADENYLATE ESTER' 'C10 H17 N6 O12 P3'
MG non-polymer 'MAGNESIUM ION' 'Mg 2'
#
# COMPACT_ATOMS: atom_id res chain seq x y z
N GLU A 64 6.54 -11.63 18.56
CA GLU A 64 7.14 -11.61 17.24
C GLU A 64 7.08 -12.98 16.59
N ILE A 65 6.95 -13.00 15.26
CA ILE A 65 6.88 -14.23 14.48
C ILE A 65 8.19 -14.38 13.71
N ARG A 66 8.76 -15.58 13.74
CA ARG A 66 10.00 -15.84 13.04
C ARG A 66 9.78 -15.77 11.53
N GLY A 67 10.74 -15.17 10.83
CA GLY A 67 10.67 -15.09 9.38
C GLY A 67 10.88 -16.44 8.72
N VAL A 68 10.50 -16.49 7.45
CA VAL A 68 10.65 -17.72 6.68
C VAL A 68 12.10 -17.90 6.27
N ALA A 69 12.45 -19.14 5.90
CA ALA A 69 13.77 -19.42 5.36
C ALA A 69 13.94 -18.72 4.01
N PHE A 70 15.20 -18.50 3.64
CA PHE A 70 15.48 -17.86 2.36
C PHE A 70 14.94 -18.66 1.19
N LYS A 71 15.08 -19.99 1.24
CA LYS A 71 14.54 -20.85 0.18
C LYS A 71 13.04 -20.65 0.01
N GLU A 72 12.33 -20.41 1.12
CA GLU A 72 10.89 -20.19 1.05
C GLU A 72 10.51 -19.01 0.17
N LEU A 73 11.45 -18.08 -0.06
CA LEU A 73 11.16 -16.95 -0.93
C LEU A 73 10.93 -17.38 -2.37
N PHE A 74 11.35 -18.59 -2.75
CA PHE A 74 11.35 -19.03 -4.15
C PHE A 74 10.33 -20.14 -4.39
N ARG A 75 9.20 -20.12 -3.69
CA ARG A 75 8.18 -21.14 -3.88
C ARG A 75 7.26 -20.85 -5.06
N PHE A 76 7.29 -19.64 -5.60
CA PHE A 76 6.43 -19.24 -6.72
C PHE A 76 7.15 -19.24 -8.05
N ALA A 77 8.35 -19.82 -8.11
CA ALA A 77 9.12 -19.84 -9.35
C ALA A 77 8.68 -21.02 -10.22
N ASP A 78 8.64 -20.78 -11.54
CA ASP A 78 8.32 -21.80 -12.52
C ASP A 78 9.51 -21.98 -13.46
N GLY A 79 9.30 -22.76 -14.53
CA GLY A 79 10.40 -23.07 -15.43
C GLY A 79 11.04 -21.84 -16.04
N LEU A 80 10.22 -20.89 -16.50
CA LEU A 80 10.77 -19.65 -17.01
C LEU A 80 11.49 -18.88 -15.92
N ASP A 81 10.94 -18.87 -14.71
CA ASP A 81 11.63 -18.24 -13.59
C ASP A 81 12.94 -18.95 -13.29
N TYR A 82 12.95 -20.28 -13.36
CA TYR A 82 14.18 -21.02 -13.10
C TYR A 82 15.26 -20.72 -14.12
N VAL A 83 14.90 -20.66 -15.41
CA VAL A 83 15.91 -20.39 -16.42
C VAL A 83 16.37 -18.93 -16.34
N LEU A 84 15.46 -18.01 -16.02
CA LEU A 84 15.89 -16.62 -15.83
C LEU A 84 16.85 -16.50 -14.65
N MET A 85 16.55 -17.18 -13.54
CA MET A 85 17.43 -17.14 -12.38
C MET A 85 18.78 -17.77 -12.69
N GLY A 86 18.78 -18.87 -13.45
CA GLY A 86 20.04 -19.50 -13.81
C GLY A 86 20.90 -18.62 -14.71
N ILE A 87 20.29 -17.98 -15.71
CA ILE A 87 21.03 -17.08 -16.58
C ILE A 87 21.56 -15.89 -15.79
N GLY A 88 20.74 -15.34 -14.90
CA GLY A 88 21.19 -14.25 -14.06
C GLY A 88 22.34 -14.64 -13.15
N SER A 89 22.27 -15.84 -12.57
CA SER A 89 23.34 -16.30 -11.69
C SER A 89 24.64 -16.50 -12.47
N VAL A 90 24.55 -17.09 -13.67
CA VAL A 90 25.74 -17.25 -14.49
C VAL A 90 26.34 -15.90 -14.85
N GLY A 91 25.48 -14.95 -15.25
CA GLY A 91 25.98 -13.63 -15.58
C GLY A 91 26.62 -12.93 -14.40
N ALA A 92 26.02 -13.04 -13.22
CA ALA A 92 26.59 -12.43 -12.03
C ALA A 92 27.93 -13.07 -11.67
N PHE A 93 28.02 -14.39 -11.77
CA PHE A 93 29.28 -15.08 -11.46
C PHE A 93 30.38 -14.64 -12.42
N VAL A 94 30.06 -14.57 -13.72
CA VAL A 94 31.07 -14.18 -14.70
C VAL A 94 31.47 -12.72 -14.51
N HIS A 95 30.50 -11.85 -14.24
CA HIS A 95 30.82 -10.44 -14.00
C HIS A 95 31.68 -10.27 -12.75
N GLY A 96 31.41 -11.05 -11.71
CA GLY A 96 32.24 -10.99 -10.53
C GLY A 96 33.65 -11.47 -10.77
N CYS A 97 33.80 -12.57 -11.50
CA CYS A 97 35.13 -13.09 -11.78
C CYS A 97 35.87 -12.30 -12.86
N SER A 98 35.19 -11.42 -13.58
CA SER A 98 35.83 -10.71 -14.69
C SER A 98 37.01 -9.87 -14.21
N LEU A 99 36.85 -9.15 -13.10
CA LEU A 99 37.89 -8.20 -12.69
C LEU A 99 39.15 -8.89 -12.16
N PRO A 100 39.09 -9.77 -11.15
CA PRO A 100 40.35 -10.36 -10.66
C PRO A 100 41.08 -11.19 -11.72
N LEU A 101 40.36 -11.94 -12.54
CA LEU A 101 41.01 -12.65 -13.63
C LEU A 101 41.59 -11.68 -14.66
N PHE A 102 40.96 -10.53 -14.86
CA PHE A 102 41.54 -9.54 -15.76
C PHE A 102 42.85 -9.00 -15.21
N LEU A 103 42.90 -8.71 -13.90
CA LEU A 103 44.14 -8.25 -13.30
C LEU A 103 45.24 -9.30 -13.36
N ARG A 104 44.90 -10.55 -13.06
CA ARG A 104 45.89 -11.62 -13.15
C ARG A 104 46.33 -11.85 -14.60
N PHE A 105 45.41 -11.67 -15.55
CA PHE A 105 45.75 -11.82 -16.96
C PHE A 105 46.70 -10.71 -17.40
N PHE A 106 46.50 -9.49 -16.91
CA PHE A 106 47.47 -8.43 -17.20
C PHE A 106 48.82 -8.73 -16.57
N ALA A 107 48.81 -9.28 -15.34
CA ALA A 107 50.05 -9.64 -14.69
C ALA A 107 50.82 -10.69 -15.49
N ASP A 108 50.11 -11.68 -16.05
CA ASP A 108 50.74 -12.66 -16.91
C ASP A 108 51.01 -12.14 -18.32
N LEU A 109 50.38 -11.02 -18.69
CA LEU A 109 50.52 -10.46 -20.02
C LEU A 109 51.69 -9.48 -20.10
N VAL A 110 52.16 -8.98 -18.97
CA VAL A 110 53.26 -8.02 -18.96
C VAL A 110 54.49 -8.58 -19.69
N ASN A 111 54.83 -9.84 -19.39
CA ASN A 111 56.03 -10.44 -19.98
C ASN A 111 55.90 -10.55 -21.50
N SER A 112 54.75 -11.03 -21.99
CA SER A 112 54.56 -11.16 -23.43
C SER A 112 54.43 -9.80 -24.10
N PHE A 113 54.01 -8.77 -23.35
CA PHE A 113 53.98 -7.42 -23.89
C PHE A 113 55.39 -6.88 -24.06
N GLY A 114 56.26 -7.16 -23.10
CA GLY A 114 57.66 -6.78 -23.24
C GLY A 114 58.34 -7.45 -24.42
N SER A 115 57.96 -8.70 -24.69
CA SER A 115 58.52 -9.44 -25.81
C SER A 115 57.80 -9.09 -27.12
N LYS A 122 56.00 -8.53 -35.04
CA LYS A 122 56.32 -8.66 -33.63
C LYS A 122 55.34 -7.85 -32.77
N MET A 123 55.48 -6.53 -32.83
CA MET A 123 54.61 -5.67 -32.02
C MET A 123 53.21 -5.59 -32.61
N MET A 124 53.09 -5.54 -33.94
CA MET A 124 51.78 -5.41 -34.57
C MET A 124 50.91 -6.62 -34.29
N GLU A 125 51.49 -7.83 -34.39
CA GLU A 125 50.72 -9.04 -34.11
C GLU A 125 50.25 -9.07 -32.67
N GLU A 126 51.13 -8.70 -31.73
CA GLU A 126 50.77 -8.67 -30.33
C GLU A 126 49.65 -7.68 -30.08
N VAL A 127 49.74 -6.49 -30.69
CA VAL A 127 48.69 -5.48 -30.51
C VAL A 127 47.36 -5.97 -31.04
N LEU A 128 47.36 -6.59 -32.24
CA LEU A 128 46.12 -7.08 -32.81
C LEU A 128 45.51 -8.20 -31.98
N LYS A 129 46.34 -9.14 -31.50
CA LYS A 129 45.84 -10.23 -30.69
C LYS A 129 45.28 -9.72 -29.37
N TYR A 130 45.98 -8.79 -28.72
CA TYR A 130 45.48 -8.26 -27.47
C TYR A 130 44.22 -7.42 -27.69
N ALA A 131 44.11 -6.74 -28.84
CA ALA A 131 42.89 -6.00 -29.15
C ALA A 131 41.70 -6.94 -29.31
N LEU A 132 41.89 -8.06 -30.01
CA LEU A 132 40.78 -9.00 -30.16
C LEU A 132 40.41 -9.67 -28.84
N TYR A 133 41.40 -10.00 -28.01
CA TYR A 133 41.10 -10.55 -26.69
C TYR A 133 40.39 -9.51 -25.83
N PHE A 134 40.81 -8.24 -25.92
CA PHE A 134 40.13 -7.15 -25.23
C PHE A 134 38.68 -7.04 -25.66
N LEU A 135 38.42 -7.15 -26.97
CA LEU A 135 37.05 -7.09 -27.46
C LEU A 135 36.23 -8.27 -26.93
N VAL A 136 36.81 -9.46 -26.92
CA VAL A 136 36.09 -10.64 -26.42
C VAL A 136 35.73 -10.46 -24.95
N VAL A 137 36.70 -10.00 -24.14
CA VAL A 137 36.44 -9.83 -22.71
C VAL A 137 35.43 -8.73 -22.48
N GLY A 138 35.49 -7.64 -23.25
CA GLY A 138 34.51 -6.59 -23.12
C GLY A 138 33.10 -7.05 -23.46
N ALA A 139 32.98 -7.85 -24.52
CA ALA A 139 31.67 -8.40 -24.87
C ALA A 139 31.15 -9.32 -23.77
N ALA A 140 32.03 -10.15 -23.20
CA ALA A 140 31.60 -11.05 -22.13
C ALA A 140 31.12 -10.25 -20.92
N ILE A 141 31.88 -9.22 -20.54
CA ILE A 141 31.48 -8.40 -19.39
C ILE A 141 30.17 -7.68 -19.66
N TRP A 142 30.01 -7.15 -20.88
CA TRP A 142 28.77 -6.47 -21.25
C TRP A 142 27.58 -7.40 -21.12
N ALA A 143 27.69 -8.59 -21.71
CA ALA A 143 26.58 -9.55 -21.66
C ALA A 143 26.28 -9.97 -20.22
N SER A 144 27.32 -10.23 -19.43
CA SER A 144 27.11 -10.69 -18.07
C SER A 144 26.45 -9.61 -17.21
N SER A 145 26.92 -8.37 -17.33
CA SER A 145 26.34 -7.29 -16.53
C SER A 145 24.93 -6.93 -17.01
N TRP A 146 24.64 -7.16 -18.29
CA TRP A 146 23.27 -6.97 -18.77
C TRP A 146 22.34 -8.02 -18.19
N ALA A 147 22.74 -9.29 -18.26
CA ALA A 147 21.89 -10.36 -17.77
C ALA A 147 21.68 -10.26 -16.26
N GLU A 148 22.74 -9.96 -15.51
CA GLU A 148 22.68 -9.93 -14.06
C GLU A 148 21.60 -9.00 -13.54
N ILE A 149 21.29 -7.95 -14.29
CA ILE A 149 20.22 -7.03 -13.93
C ILE A 149 18.90 -7.42 -14.56
N SER A 150 18.88 -7.62 -15.88
CA SER A 150 17.62 -7.80 -16.59
C SER A 150 16.91 -9.08 -16.17
N CYS A 151 17.63 -10.21 -16.19
CA CYS A 151 16.99 -11.49 -15.88
C CYS A 151 16.49 -11.51 -14.45
N TRP A 152 17.29 -11.00 -13.51
CA TRP A 152 16.87 -10.98 -12.12
C TRP A 152 15.67 -10.07 -11.91
N MET A 153 15.65 -8.90 -12.54
CA MET A 153 14.50 -8.01 -12.39
C MET A 153 13.23 -8.66 -12.92
N TRP A 154 13.31 -9.26 -14.11
CA TRP A 154 12.11 -9.88 -14.69
C TRP A 154 11.65 -11.08 -13.86
N SER A 155 12.58 -11.92 -13.42
CA SER A 155 12.21 -13.08 -12.60
C SER A 155 11.57 -12.65 -11.29
N GLY A 156 12.16 -11.64 -10.63
CA GLY A 156 11.59 -11.15 -9.39
C GLY A 156 10.20 -10.58 -9.58
N GLU A 157 9.99 -9.83 -10.67
CA GLU A 157 8.66 -9.29 -10.94
C GLU A 157 7.66 -10.41 -11.19
N ARG A 158 8.05 -11.44 -11.95
CA ARG A 158 7.15 -12.56 -12.20
C ARG A 158 6.76 -13.26 -10.90
N GLN A 159 7.74 -13.56 -10.06
CA GLN A 159 7.45 -14.25 -8.81
C GLN A 159 6.61 -13.39 -7.88
N THR A 160 6.88 -12.08 -7.84
CA THR A 160 6.08 -11.20 -7.00
C THR A 160 4.64 -11.12 -7.47
N THR A 161 4.43 -11.04 -8.79
CA THR A 161 3.06 -11.05 -9.31
C THR A 161 2.34 -12.34 -8.97
N LYS A 162 3.03 -13.48 -9.15
CA LYS A 162 2.41 -14.76 -8.80
C LYS A 162 2.08 -14.83 -7.32
N MET A 163 2.97 -14.33 -6.47
CA MET A 163 2.73 -14.38 -5.03
C MET A 163 1.57 -13.47 -4.63
N ARG A 164 1.45 -12.30 -5.26
CA ARG A 164 0.31 -11.44 -5.00
C ARG A 164 -1.00 -12.12 -5.40
N ILE A 165 -1.02 -12.77 -6.56
CA ILE A 165 -2.23 -13.45 -7.00
C ILE A 165 -2.58 -14.59 -6.05
N LYS A 166 -1.58 -15.36 -5.63
CA LYS A 166 -1.83 -16.46 -4.70
C LYS A 166 -2.30 -15.94 -3.35
N TYR A 167 -1.75 -14.82 -2.88
CA TYR A 167 -2.20 -14.24 -1.62
C TYR A 167 -3.65 -13.80 -1.71
N LEU A 168 -4.03 -13.15 -2.81
CA LEU A 168 -5.42 -12.73 -2.95
C LEU A 168 -6.34 -13.94 -3.03
N GLU A 169 -5.93 -14.98 -3.76
CA GLU A 169 -6.76 -16.18 -3.86
C GLU A 169 -6.93 -16.87 -2.52
N ALA A 170 -5.84 -16.95 -1.74
CA ALA A 170 -5.92 -17.58 -0.42
C ALA A 170 -6.77 -16.75 0.54
N ALA A 171 -6.66 -15.42 0.48
CA ALA A 171 -7.45 -14.58 1.36
C ALA A 171 -8.93 -14.64 1.00
N LEU A 172 -9.25 -14.69 -0.29
CA LEU A 172 -10.65 -14.60 -0.71
C LEU A 172 -11.46 -15.81 -0.25
N ASN A 173 -10.86 -17.00 -0.25
CA ASN A 173 -11.57 -18.20 0.16
C ASN A 173 -11.37 -18.53 1.63
N GLN A 174 -11.15 -17.53 2.48
CA GLN A 174 -11.13 -17.70 3.92
C GLN A 174 -12.54 -17.57 4.48
N ASP A 175 -12.70 -17.98 5.73
CA ASP A 175 -14.00 -17.91 6.38
C ASP A 175 -14.39 -16.47 6.68
N ILE A 176 -15.70 -16.25 6.85
CA ILE A 176 -16.20 -14.92 7.17
C ILE A 176 -15.73 -14.50 8.55
N GLN A 177 -15.68 -15.44 9.50
CA GLN A 177 -15.18 -15.15 10.84
C GLN A 177 -13.71 -14.79 10.85
N PHE A 178 -12.98 -15.07 9.76
CA PHE A 178 -11.57 -14.67 9.69
C PHE A 178 -11.43 -13.19 9.38
N PHE A 179 -12.43 -12.56 8.77
CA PHE A 179 -12.31 -11.18 8.31
C PHE A 179 -12.74 -10.16 9.35
N ASP A 180 -13.46 -10.58 10.40
CA ASP A 180 -13.77 -9.70 11.51
C ASP A 180 -12.92 -10.01 12.73
N THR A 181 -11.90 -10.85 12.58
CA THR A 181 -11.03 -11.24 13.70
C THR A 181 -9.60 -10.79 13.51
N GLU A 182 -8.95 -11.15 12.40
CA GLU A 182 -7.51 -10.94 12.29
C GLU A 182 -7.08 -10.48 10.89
N VAL A 183 -7.94 -9.75 10.18
CA VAL A 183 -7.55 -9.18 8.89
C VAL A 183 -8.53 -8.07 8.54
N ARG A 184 -8.01 -7.01 7.92
CA ARG A 184 -8.80 -5.88 7.46
C ARG A 184 -8.47 -5.59 6.01
N THR A 185 -9.27 -4.72 5.39
CA THR A 185 -9.02 -4.32 4.01
C THR A 185 -7.67 -3.61 3.88
N SER A 186 -7.37 -2.73 4.83
CA SER A 186 -6.08 -2.06 4.81
C SER A 186 -4.95 -3.05 5.00
N ASP A 187 -5.17 -4.11 5.78
CA ASP A 187 -4.14 -5.11 5.97
C ASP A 187 -3.78 -5.80 4.66
N VAL A 188 -4.80 -6.20 3.89
CA VAL A 188 -4.52 -6.87 2.63
C VAL A 188 -3.93 -5.89 1.62
N VAL A 189 -4.37 -4.63 1.64
CA VAL A 189 -3.78 -3.64 0.74
C VAL A 189 -2.29 -3.46 1.05
N PHE A 190 -1.94 -3.37 2.33
CA PHE A 190 -0.55 -3.25 2.73
C PHE A 190 0.24 -4.49 2.33
N ALA A 191 -0.35 -5.68 2.49
CA ALA A 191 0.34 -6.90 2.10
C ALA A 191 0.60 -6.94 0.59
N ILE A 192 -0.38 -6.50 -0.20
CA ILE A 192 -0.19 -6.45 -1.65
C ILE A 192 0.88 -5.45 -2.04
N ASN A 193 0.94 -4.31 -1.36
CA ASN A 193 1.86 -3.25 -1.82
C ASN A 193 3.24 -3.35 -1.18
N THR A 194 3.32 -3.13 0.14
CA THR A 194 4.61 -2.87 0.75
C THR A 194 5.40 -4.16 0.98
N ASP A 195 4.76 -5.17 1.57
CA ASP A 195 5.44 -6.44 1.80
C ASP A 195 5.83 -7.10 0.48
N ALA A 196 4.97 -6.98 -0.53
CA ALA A 196 5.30 -7.53 -1.83
C ALA A 196 6.47 -6.81 -2.47
N VAL A 197 6.53 -5.48 -2.35
CA VAL A 197 7.70 -4.76 -2.86
C VAL A 197 8.96 -5.20 -2.12
N MET A 198 8.85 -5.45 -0.81
CA MET A 198 10.01 -5.92 -0.06
C MET A 198 10.49 -7.28 -0.57
N VAL A 199 9.57 -8.24 -0.72
CA VAL A 199 9.94 -9.56 -1.21
C VAL A 199 10.53 -9.46 -2.61
N GLN A 200 9.93 -8.62 -3.46
CA GLN A 200 10.45 -8.41 -4.79
C GLN A 200 11.89 -7.89 -4.74
N ASP A 201 12.12 -6.85 -3.95
CA ASP A 201 13.47 -6.29 -3.84
C ASP A 201 14.47 -7.32 -3.35
N ALA A 202 14.03 -8.27 -2.53
CA ALA A 202 14.92 -9.37 -2.17
C ALA A 202 15.22 -10.25 -3.38
N ILE A 203 14.17 -10.67 -4.11
CA ILE A 203 14.36 -11.60 -5.21
C ILE A 203 14.66 -10.92 -6.54
N SER A 204 14.80 -9.60 -6.55
CA SER A 204 15.11 -8.85 -7.76
C SER A 204 16.62 -8.70 -7.91
N GLU A 205 17.06 -7.77 -8.76
CA GLU A 205 18.46 -7.58 -9.09
C GLU A 205 19.38 -7.45 -7.87
N LYS A 206 18.84 -7.19 -6.69
CA LYS A 206 19.69 -7.15 -5.50
C LYS A 206 20.34 -8.50 -5.23
N LEU A 207 19.60 -9.58 -5.48
CA LEU A 207 20.20 -10.91 -5.36
C LEU A 207 21.30 -11.11 -6.40
N GLY A 208 21.09 -10.60 -7.60
CA GLY A 208 22.14 -10.67 -8.61
C GLY A 208 23.39 -9.90 -8.20
N ASN A 209 23.20 -8.72 -7.61
CA ASN A 209 24.34 -7.96 -7.10
C ASN A 209 25.05 -8.71 -5.98
N PHE A 210 24.29 -9.36 -5.09
CA PHE A 210 24.92 -10.14 -4.03
C PHE A 210 25.74 -11.30 -4.60
N ILE A 211 25.19 -11.99 -5.60
CA ILE A 211 25.94 -13.07 -6.24
C ILE A 211 27.18 -12.54 -6.93
N HIS A 212 27.06 -11.37 -7.57
CA HIS A 212 28.21 -10.76 -8.23
C HIS A 212 29.31 -10.43 -7.22
N TYR A 213 28.93 -9.89 -6.06
CA TYR A 213 29.93 -9.53 -5.06
C TYR A 213 30.57 -10.76 -4.43
N MET A 214 29.78 -11.80 -4.15
CA MET A 214 30.34 -13.03 -3.62
C MET A 214 31.27 -13.68 -4.64
N ALA A 215 30.90 -13.65 -5.92
CA ALA A 215 31.79 -14.17 -6.96
C ALA A 215 33.08 -13.37 -7.04
N THR A 216 32.98 -12.05 -6.89
CA THR A 216 34.18 -11.21 -6.87
C THR A 216 35.11 -11.62 -5.72
N PHE A 217 34.53 -11.84 -4.54
CA PHE A 217 35.34 -12.24 -3.39
C PHE A 217 36.00 -13.60 -3.61
N VAL A 218 35.22 -14.57 -4.10
CA VAL A 218 35.77 -15.90 -4.34
C VAL A 218 36.88 -15.86 -5.39
N SER A 219 36.65 -15.11 -6.47
CA SER A 219 37.67 -14.98 -7.50
C SER A 219 38.93 -14.31 -6.97
N GLY A 220 38.77 -13.26 -6.15
CA GLY A 220 39.93 -12.64 -5.55
C GLY A 220 40.71 -13.60 -4.68
N PHE A 221 40.01 -14.40 -3.87
CA PHE A 221 40.71 -15.38 -3.04
C PHE A 221 41.43 -16.40 -3.90
N ILE A 222 40.80 -16.88 -4.98
CA ILE A 222 41.44 -17.88 -5.82
C ILE A 222 42.69 -17.33 -6.49
N VAL A 223 42.60 -16.12 -7.04
CA VAL A 223 43.78 -15.57 -7.72
C VAL A 223 44.87 -15.23 -6.71
N GLY A 224 44.50 -14.81 -5.50
CA GLY A 224 45.49 -14.62 -4.46
C GLY A 224 46.18 -15.91 -4.07
N PHE A 225 45.41 -17.00 -3.96
CA PHE A 225 45.99 -18.32 -3.68
C PHE A 225 46.94 -18.74 -4.79
N THR A 226 46.58 -18.44 -6.04
CA THR A 226 47.48 -18.71 -7.16
C THR A 226 48.77 -17.90 -7.01
N ALA A 227 48.66 -16.64 -6.60
CA ALA A 227 49.84 -15.79 -6.46
C ALA A 227 50.64 -16.13 -5.20
N VAL A 228 50.03 -15.94 -4.04
CA VAL A 228 50.68 -16.21 -2.76
C VAL A 228 49.67 -16.96 -1.90
N TRP A 229 49.94 -18.25 -1.65
CA TRP A 229 48.97 -19.07 -0.93
C TRP A 229 48.91 -18.69 0.55
N GLN A 230 50.04 -18.32 1.15
CA GLN A 230 50.04 -17.94 2.56
C GLN A 230 49.19 -16.69 2.80
N LEU A 231 49.33 -15.70 1.94
CA LEU A 231 48.56 -14.47 2.08
C LEU A 231 47.07 -14.73 1.88
N ALA A 232 46.72 -15.57 0.90
CA ALA A 232 45.31 -15.91 0.70
C ALA A 232 44.76 -16.66 1.90
N LEU A 233 45.55 -17.57 2.47
CA LEU A 233 45.09 -18.32 3.64
C LEU A 233 44.85 -17.39 4.83
N VAL A 234 45.77 -16.46 5.08
CA VAL A 234 45.58 -15.53 6.19
C VAL A 234 44.44 -14.55 5.90
N THR A 235 44.17 -14.27 4.62
CA THR A 235 42.97 -13.51 4.27
C THR A 235 41.71 -14.30 4.58
N LEU A 236 41.73 -15.62 4.36
CA LEU A 236 40.57 -16.47 4.57
C LEU A 236 40.08 -16.48 6.01
N ALA A 237 40.82 -15.85 6.93
CA ALA A 237 40.40 -15.75 8.33
C ALA A 237 39.48 -14.57 8.59
N VAL A 238 39.13 -13.81 7.54
CA VAL A 238 38.26 -12.65 7.71
C VAL A 238 36.78 -13.02 7.63
N VAL A 239 36.44 -14.16 7.03
CA VAL A 239 35.05 -14.52 6.80
C VAL A 239 34.27 -14.87 8.08
N PRO A 240 34.86 -15.44 9.13
CA PRO A 240 34.04 -15.68 10.34
C PRO A 240 33.57 -14.40 11.00
N LEU A 241 34.44 -13.39 11.06
CA LEU A 241 34.05 -12.11 11.66
C LEU A 241 32.95 -11.44 10.85
N ILE A 242 33.08 -11.48 9.51
CA ILE A 242 32.04 -10.91 8.66
C ILE A 242 30.73 -11.67 8.83
N ALA A 243 30.81 -12.99 8.99
CA ALA A 243 29.61 -13.78 9.19
C ALA A 243 28.93 -13.40 10.51
N VAL A 244 29.70 -13.23 11.58
CA VAL A 244 29.13 -12.87 12.88
C VAL A 244 28.48 -11.49 12.80
N ILE A 245 29.18 -10.53 12.18
CA ILE A 245 28.64 -9.18 12.07
C ILE A 245 27.37 -9.18 11.24
N GLY A 246 27.36 -9.91 10.11
CA GLY A 246 26.18 -9.99 9.29
C GLY A 246 25.00 -10.63 10.02
N GLY A 247 25.27 -11.70 10.78
CA GLY A 247 24.19 -12.33 11.52
C GLY A 247 23.57 -11.42 12.56
N ILE A 248 24.42 -10.74 13.34
CA ILE A 248 23.90 -9.85 14.38
C ILE A 248 23.11 -8.70 13.73
N HIS A 249 23.69 -8.09 12.69
CA HIS A 249 23.03 -6.96 12.05
C HIS A 249 21.71 -7.38 11.41
N THR A 250 21.68 -8.56 10.78
CA THR A 250 20.45 -9.01 10.14
C THR A 250 19.38 -9.34 11.16
N THR A 251 19.75 -9.94 12.30
CA THR A 251 18.76 -10.20 13.34
C THR A 251 18.15 -8.90 13.85
N THR A 252 19.01 -7.93 14.21
CA THR A 252 18.50 -6.65 14.71
C THR A 252 17.63 -5.95 13.68
N LEU A 253 18.09 -5.94 12.42
CA LEU A 253 17.35 -5.28 11.36
C LEU A 253 16.00 -5.97 11.11
N SER A 254 15.98 -7.29 11.16
CA SER A 254 14.72 -8.00 10.94
C SER A 254 13.71 -7.66 12.02
N LYS A 255 14.13 -7.64 13.28
CA LYS A 255 13.20 -7.29 14.36
C LYS A 255 12.70 -5.85 14.21
N LEU A 256 13.63 -4.92 13.96
CA LEU A 256 13.25 -3.52 13.81
C LEU A 256 12.31 -3.32 12.62
N SER A 257 12.57 -4.01 11.51
CA SER A 257 11.73 -3.88 10.33
C SER A 257 10.36 -4.49 10.55
N ASN A 258 10.29 -5.59 11.32
CA ASN A 258 8.99 -6.15 11.67
C ASN A 258 8.15 -5.11 12.43
N LYS A 259 8.74 -4.49 13.45
CA LYS A 259 8.00 -3.48 14.21
C LYS A 259 7.62 -2.29 13.34
N SER A 260 8.55 -1.83 12.50
CA SER A 260 8.28 -0.68 11.64
C SER A 260 7.17 -0.99 10.64
N GLN A 261 7.16 -2.20 10.09
CA GLN A 261 6.12 -2.59 9.15
C GLN A 261 4.77 -2.67 9.82
N GLU A 262 4.72 -3.15 11.07
CA GLU A 262 3.45 -3.15 11.80
C GLU A 262 2.93 -1.72 11.99
N SER A 263 3.82 -0.80 12.38
CA SER A 263 3.41 0.58 12.57
C SER A 263 2.95 1.20 11.25
N LEU A 264 3.65 0.90 10.16
CA LEU A 264 3.27 1.44 8.85
C LEU A 264 1.95 0.87 8.39
N SER A 265 1.67 -0.39 8.70
CA SER A 265 0.37 -0.98 8.39
C SER A 265 -0.74 -0.25 9.15
N GLN A 266 -0.50 0.05 10.43
CA GLN A 266 -1.50 0.80 11.19
C GLN A 266 -1.73 2.19 10.58
N ALA A 267 -0.65 2.86 10.18
CA ALA A 267 -0.79 4.17 9.56
C ALA A 267 -1.58 4.09 8.25
N GLY A 268 -1.29 3.08 7.42
CA GLY A 268 -2.05 2.88 6.20
C GLY A 268 -3.51 2.59 6.48
N ASN A 269 -3.80 1.86 7.56
CA ASN A 269 -5.19 1.65 7.96
C ASN A 269 -5.87 2.97 8.29
N ILE A 270 -5.17 3.84 9.02
CA ILE A 270 -5.75 5.15 9.35
C ILE A 270 -6.07 5.91 8.07
N VAL A 271 -5.12 5.91 7.12
CA VAL A 271 -5.33 6.63 5.86
C VAL A 271 -6.53 6.07 5.10
N GLU A 272 -6.59 4.74 4.96
CA GLU A 272 -7.65 4.12 4.17
C GLU A 272 -9.01 4.36 4.81
N GLN A 273 -9.10 4.23 6.14
CA GLN A 273 -10.38 4.47 6.81
C GLN A 273 -10.79 5.93 6.69
N THR A 274 -9.82 6.85 6.73
CA THR A 274 -10.16 8.26 6.56
C THR A 274 -10.72 8.53 5.17
N VAL A 275 -10.09 7.95 4.14
CA VAL A 275 -10.54 8.22 2.77
C VAL A 275 -11.89 7.57 2.49
N VAL A 276 -12.12 6.37 3.04
CA VAL A 276 -13.37 5.66 2.78
C VAL A 276 -14.57 6.48 3.26
N GLN A 277 -14.47 7.05 4.46
CA GLN A 277 -15.54 7.81 5.09
C GLN A 277 -15.34 9.31 4.91
N ILE A 278 -14.83 9.74 3.76
CA ILE A 278 -14.38 11.13 3.60
C ILE A 278 -15.52 12.11 3.76
N ARG A 279 -16.73 11.76 3.32
CA ARG A 279 -17.86 12.65 3.50
C ARG A 279 -18.15 12.88 4.98
N VAL A 280 -18.13 11.81 5.77
CA VAL A 280 -18.32 11.95 7.22
C VAL A 280 -17.14 12.70 7.83
N VAL A 281 -15.93 12.50 7.31
CA VAL A 281 -14.75 13.13 7.88
C VAL A 281 -14.82 14.64 7.70
N MET A 282 -15.13 15.10 6.50
CA MET A 282 -15.21 16.55 6.28
C MET A 282 -16.49 17.14 6.86
N ALA A 283 -17.57 16.36 6.94
CA ALA A 283 -18.82 16.86 7.50
C ALA A 283 -18.67 17.17 8.98
N PHE A 284 -17.87 16.38 9.69
CA PHE A 284 -17.65 16.57 11.11
C PHE A 284 -16.31 17.24 11.41
N VAL A 285 -15.65 17.77 10.39
CA VAL A 285 -14.35 18.45 10.52
C VAL A 285 -13.37 17.53 11.23
N GLY A 286 -13.00 16.44 10.57
CA GLY A 286 -12.07 15.48 11.14
C GLY A 286 -10.75 15.35 10.43
N GLU A 287 -10.39 16.28 9.54
CA GLU A 287 -9.12 16.19 8.84
C GLU A 287 -7.94 16.38 9.80
N SER A 288 -8.06 17.34 10.72
CA SER A 288 -6.98 17.59 11.67
C SER A 288 -6.74 16.38 12.57
N ARG A 289 -7.82 15.76 13.06
CA ARG A 289 -7.67 14.57 13.90
C ARG A 289 -7.02 13.43 13.14
N ALA A 290 -7.43 13.23 11.87
CA ALA A 290 -6.83 12.19 11.06
C ALA A 290 -5.35 12.44 10.83
N SER A 291 -4.99 13.69 10.54
CA SER A 291 -3.57 14.03 10.35
C SER A 291 -2.77 13.79 11.63
N GLN A 292 -3.34 14.17 12.78
CA GLN A 292 -2.64 13.95 14.05
C GLN A 292 -2.45 12.45 14.32
N ALA A 293 -3.48 11.65 14.06
CA ALA A 293 -3.36 10.21 14.26
C ALA A 293 -2.32 9.61 13.32
N TYR A 294 -2.30 10.07 12.06
CA TYR A 294 -1.31 9.59 11.10
C TYR A 294 0.10 9.94 11.56
N SER A 295 0.31 11.18 12.02
CA SER A 295 1.62 11.58 12.51
C SER A 295 2.05 10.77 13.72
N SER A 296 1.11 10.52 14.64
CA SER A 296 1.43 9.72 15.81
C SER A 296 1.82 8.30 15.41
N ALA A 297 1.12 7.72 14.44
CA ALA A 297 1.48 6.39 13.95
C ALA A 297 2.85 6.40 13.29
N LEU A 298 3.17 7.45 12.53
CA LEU A 298 4.45 7.50 11.82
C LEU A 298 5.62 7.79 12.75
N LYS A 299 5.37 8.36 13.93
CA LYS A 299 6.46 8.62 14.87
C LYS A 299 7.16 7.33 15.28
N ILE A 300 6.39 6.27 15.54
CA ILE A 300 6.98 4.99 15.91
C ILE A 300 7.85 4.47 14.77
N ALA A 301 7.35 4.58 13.54
CA ALA A 301 8.12 4.11 12.39
C ALA A 301 9.42 4.89 12.22
N GLN A 302 9.38 6.21 12.45
CA GLN A 302 10.60 6.99 12.30
C GLN A 302 11.61 6.69 13.42
N LYS A 303 11.12 6.42 14.64
CA LYS A 303 12.04 6.01 15.70
C LYS A 303 12.69 4.67 15.39
N LEU A 304 11.91 3.71 14.88
CA LEU A 304 12.49 2.43 14.48
C LEU A 304 13.45 2.60 13.31
N GLY A 305 13.18 3.56 12.42
CA GLY A 305 14.12 3.85 11.36
C GLY A 305 15.42 4.45 11.87
N TYR A 306 15.33 5.29 12.90
CA TYR A 306 16.54 5.79 13.56
C TYR A 306 17.37 4.64 14.09
N LYS A 307 16.73 3.72 14.80
CA LYS A 307 17.46 2.56 15.35
C LYS A 307 18.04 1.71 14.23
N THR A 308 17.29 1.51 13.15
CA THR A 308 17.78 0.74 12.01
C THR A 308 19.00 1.39 11.39
N GLY A 309 18.97 2.72 11.24
CA GLY A 309 20.13 3.42 10.70
C GLY A 309 21.35 3.29 11.59
N LEU A 310 21.15 3.39 12.91
CA LEU A 310 22.26 3.20 13.82
C LEU A 310 22.84 1.78 13.69
N ALA A 311 21.97 0.77 13.59
CA ALA A 311 22.45 -0.60 13.45
C ALA A 311 23.21 -0.79 12.15
N LYS A 312 22.70 -0.24 11.05
CA LYS A 312 23.39 -0.33 9.77
C LYS A 312 24.74 0.36 9.82
N GLY A 313 24.80 1.54 10.44
CA GLY A 313 26.08 2.23 10.58
C GLY A 313 27.08 1.41 11.36
N MET A 314 26.65 0.82 12.48
CA MET A 314 27.54 -0.02 13.27
C MET A 314 28.03 -1.21 12.46
N GLY A 315 27.13 -1.85 11.72
CA GLY A 315 27.53 -3.02 10.93
C GLY A 315 28.53 -2.69 9.85
N LEU A 316 28.26 -1.63 9.08
CA LEU A 316 29.19 -1.23 8.03
C LEU A 316 30.53 -0.78 8.60
N GLY A 317 30.50 -0.03 9.70
CA GLY A 317 31.75 0.38 10.32
C GLY A 317 32.56 -0.80 10.79
N ALA A 318 31.91 -1.78 11.44
CA ALA A 318 32.63 -2.96 11.90
C ALA A 318 33.20 -3.76 10.74
N THR A 319 32.43 -3.90 9.66
CA THR A 319 32.92 -4.64 8.50
C THR A 319 34.14 -3.96 7.89
N TYR A 320 34.07 -2.63 7.72
CA TYR A 320 35.21 -1.91 7.17
C TYR A 320 36.42 -1.97 8.10
N PHE A 321 36.20 -1.87 9.41
CA PHE A 321 37.30 -1.95 10.37
C PHE A 321 37.99 -3.31 10.28
N VAL A 322 37.20 -4.38 10.24
CA VAL A 322 37.76 -5.72 10.16
C VAL A 322 38.51 -5.91 8.85
N VAL A 323 37.95 -5.42 7.74
CA VAL A 323 38.59 -5.57 6.44
C VAL A 323 39.92 -4.83 6.42
N PHE A 324 39.96 -3.61 6.97
CA PHE A 324 41.19 -2.83 6.91
C PHE A 324 42.24 -3.36 7.88
N CYS A 325 41.82 -3.88 9.04
CA CYS A 325 42.77 -4.56 9.92
C CYS A 325 43.35 -5.79 9.25
N CYS A 326 42.51 -6.54 8.53
CA CYS A 326 43.01 -7.67 7.76
C CYS A 326 43.98 -7.22 6.68
N TYR A 327 43.70 -6.08 6.05
CA TYR A 327 44.61 -5.53 5.06
C TYR A 327 45.98 -5.24 5.67
N ALA A 328 45.98 -4.62 6.85
CA ALA A 328 47.24 -4.31 7.52
C ALA A 328 47.99 -5.58 7.90
N LEU A 329 47.27 -6.60 8.39
CA LEU A 329 47.92 -7.86 8.73
C LEU A 329 48.50 -8.52 7.49
N LEU A 330 47.77 -8.49 6.38
CA LEU A 330 48.31 -8.99 5.11
C LEU A 330 49.58 -8.24 4.73
N LEU A 331 49.57 -6.92 4.89
CA LEU A 331 50.74 -6.13 4.55
C LEU A 331 51.95 -6.53 5.39
N TRP A 332 51.75 -6.68 6.70
CA TRP A 332 52.85 -7.06 7.58
C TRP A 332 53.36 -8.46 7.25
N TYR A 333 52.45 -9.40 6.99
CA TYR A 333 52.88 -10.76 6.67
C TYR A 333 53.60 -10.80 5.33
N GLY A 334 53.17 -10.00 4.37
CA GLY A 334 53.89 -9.91 3.11
C GLY A 334 55.29 -9.34 3.29
N GLY A 335 55.42 -8.33 4.15
CA GLY A 335 56.74 -7.84 4.49
C GLY A 335 57.61 -8.92 5.12
N TYR A 336 57.02 -9.73 6.01
CA TYR A 336 57.76 -10.82 6.62
C TYR A 336 58.20 -11.84 5.57
N LEU A 337 57.32 -12.16 4.63
CA LEU A 337 57.67 -13.11 3.57
C LEU A 337 58.79 -12.57 2.69
N VAL A 338 58.73 -11.28 2.36
CA VAL A 338 59.79 -10.67 1.55
C VAL A 338 61.09 -10.61 2.32
N ARG A 339 61.01 -10.52 3.65
CA ARG A 339 62.22 -10.59 4.47
C ARG A 339 62.97 -11.90 4.22
N HIS A 340 62.23 -12.99 4.04
CA HIS A 340 62.80 -14.26 3.64
C HIS A 340 62.76 -14.36 2.11
N HIS A 341 63.01 -15.55 1.57
CA HIS A 341 63.06 -15.77 0.13
C HIS A 341 61.86 -16.59 -0.34
N LEU A 342 60.69 -16.33 0.23
CA LEU A 342 59.48 -17.10 -0.10
C LEU A 342 58.78 -16.55 -1.34
N THR A 343 58.43 -15.27 -1.34
CA THR A 343 57.73 -14.65 -2.46
C THR A 343 58.40 -13.33 -2.81
N ASN A 344 58.27 -12.95 -4.09
CA ASN A 344 58.85 -11.73 -4.60
C ASN A 344 57.82 -10.60 -4.56
N GLY A 345 58.19 -9.46 -5.14
CA GLY A 345 57.33 -8.29 -5.06
C GLY A 345 56.04 -8.44 -5.84
N GLY A 346 56.12 -8.96 -7.07
CA GLY A 346 54.96 -8.97 -7.96
C GLY A 346 53.85 -9.88 -7.46
N LEU A 347 54.21 -11.02 -6.88
CA LEU A 347 53.19 -11.93 -6.34
C LEU A 347 52.42 -11.27 -5.21
N ALA A 348 53.14 -10.59 -4.30
CA ALA A 348 52.47 -9.84 -3.24
C ALA A 348 51.65 -8.69 -3.80
N ILE A 349 52.11 -8.08 -4.90
CA ILE A 349 51.34 -7.01 -5.54
C ILE A 349 49.99 -7.54 -6.00
N ALA A 350 50.01 -8.66 -6.73
CA ALA A 350 48.77 -9.24 -7.23
C ALA A 350 47.87 -9.68 -6.08
N THR A 351 48.45 -10.26 -5.03
CA THR A 351 47.66 -10.70 -3.90
C THR A 351 47.00 -9.51 -3.20
N MET A 352 47.74 -8.41 -3.02
CA MET A 352 47.16 -7.22 -2.41
C MET A 352 46.03 -6.66 -3.26
N PHE A 353 46.22 -6.62 -4.58
CA PHE A 353 45.15 -6.16 -5.47
C PHE A 353 43.90 -7.02 -5.30
N ALA A 354 44.08 -8.34 -5.32
CA ALA A 354 42.94 -9.26 -5.22
C ALA A 354 42.22 -9.11 -3.89
N VAL A 355 42.97 -9.04 -2.79
CA VAL A 355 42.34 -8.94 -1.48
C VAL A 355 41.63 -7.59 -1.34
N MET A 356 42.19 -6.52 -1.91
CA MET A 356 41.51 -5.23 -1.88
C MET A 356 40.18 -5.30 -2.63
N ILE A 357 40.18 -5.94 -3.79
CA ILE A 357 38.92 -6.07 -4.55
C ILE A 357 37.91 -6.89 -3.77
N GLY A 358 38.34 -7.99 -3.16
CA GLY A 358 37.43 -8.81 -2.38
C GLY A 358 36.83 -8.06 -1.20
N GLY A 359 37.67 -7.32 -0.47
CA GLY A 359 37.16 -6.54 0.64
C GLY A 359 36.19 -5.46 0.21
N LEU A 360 36.48 -4.80 -0.92
CA LEU A 360 35.54 -3.82 -1.45
C LEU A 360 34.21 -4.46 -1.81
N ALA A 361 34.26 -5.66 -2.40
CA ALA A 361 33.02 -6.37 -2.73
C ALA A 361 32.22 -6.70 -1.48
N LEU A 362 32.89 -7.18 -0.43
CA LEU A 362 32.19 -7.43 0.83
C LEU A 362 31.58 -6.15 1.40
N GLY A 363 32.30 -5.04 1.29
CA GLY A 363 31.75 -3.78 1.75
C GLY A 363 30.51 -3.36 0.98
N GLN A 364 30.53 -3.56 -0.34
CA GLN A 364 29.41 -3.15 -1.18
C GLN A 364 28.24 -4.12 -1.11
N SER A 365 28.43 -5.34 -0.61
CA SER A 365 27.36 -6.32 -0.55
C SER A 365 26.44 -6.15 0.66
N ALA A 366 26.40 -4.96 1.27
CA ALA A 366 25.57 -4.76 2.46
C ALA A 366 24.10 -4.56 2.13
N PRO A 367 23.71 -3.75 1.14
CA PRO A 367 22.27 -3.54 0.90
C PRO A 367 21.50 -4.80 0.57
N SER A 368 22.13 -5.77 -0.11
CA SER A 368 21.46 -7.02 -0.40
C SER A 368 21.10 -7.76 0.88
N MET A 369 22.06 -7.89 1.80
CA MET A 369 21.80 -8.53 3.08
C MET A 369 20.78 -7.74 3.89
N ALA A 370 20.79 -6.41 3.76
CA ALA A 370 19.80 -5.60 4.46
C ALA A 370 18.40 -5.88 3.95
N ALA A 371 18.24 -6.04 2.64
CA ALA A 371 16.91 -6.31 2.08
C ALA A 371 16.47 -7.74 2.36
N PHE A 372 17.40 -8.68 2.47
CA PHE A 372 17.05 -10.08 2.63
C PHE A 372 16.24 -10.31 3.91
N ALA A 373 16.70 -9.76 5.04
CA ALA A 373 16.01 -10.00 6.30
C ALA A 373 14.64 -9.34 6.33
N LYS A 374 14.56 -8.09 5.86
CA LYS A 374 13.27 -7.41 5.82
C LYS A 374 12.27 -8.16 4.96
N ALA A 375 12.71 -8.64 3.81
CA ALA A 375 11.79 -9.38 2.94
C ALA A 375 11.48 -10.76 3.49
N LYS A 376 12.40 -11.36 4.24
CA LYS A 376 12.06 -12.62 4.92
C LYS A 376 10.93 -12.40 5.91
N VAL A 377 10.98 -11.31 6.68
CA VAL A 377 9.90 -11.01 7.61
C VAL A 377 8.60 -10.76 6.85
N ALA A 378 8.67 -9.96 5.77
CA ALA A 378 7.46 -9.66 5.01
C ALA A 378 6.87 -10.92 4.37
N ALA A 379 7.73 -11.80 3.86
CA ALA A 379 7.26 -13.05 3.27
C ALA A 379 6.66 -13.97 4.31
N ALA A 380 7.20 -13.97 5.53
CA ALA A 380 6.55 -14.71 6.60
C ALA A 380 5.15 -14.17 6.86
N LYS A 381 5.02 -12.85 6.89
CA LYS A 381 3.69 -12.25 7.09
C LYS A 381 2.73 -12.66 5.98
N ILE A 382 3.19 -12.67 4.74
CA ILE A 382 2.31 -13.03 3.63
C ILE A 382 1.98 -14.52 3.65
N PHE A 383 2.98 -15.36 3.88
CA PHE A 383 2.79 -16.81 3.88
C PHE A 383 1.92 -17.27 5.04
N ARG A 384 1.86 -16.51 6.13
CA ARG A 384 0.92 -16.85 7.19
C ARG A 384 -0.52 -16.87 6.67
N ILE A 385 -0.89 -15.84 5.89
CA ILE A 385 -2.22 -15.82 5.29
C ILE A 385 -2.32 -16.85 4.17
N ILE A 386 -1.28 -16.99 3.36
CA ILE A 386 -1.34 -17.88 2.20
C ILE A 386 -1.56 -19.33 2.63
N ASP A 387 -0.84 -19.78 3.65
CA ASP A 387 -0.93 -21.16 4.10
C ASP A 387 -2.06 -21.40 5.08
N HIS A 388 -2.78 -20.37 5.49
CA HIS A 388 -3.90 -20.54 6.40
C HIS A 388 -5.05 -21.26 5.71
N LYS A 389 -5.60 -22.28 6.38
CA LYS A 389 -6.68 -23.08 5.83
C LYS A 389 -8.00 -22.72 6.46
N PRO A 390 -9.07 -22.57 5.67
CA PRO A 390 -10.36 -22.17 6.23
C PRO A 390 -10.93 -23.24 7.14
N THR A 391 -11.57 -22.81 8.22
CA THR A 391 -12.17 -23.74 9.18
C THR A 391 -13.52 -24.26 8.72
N ILE A 392 -14.21 -23.54 7.83
CA ILE A 392 -15.47 -24.04 7.30
C ILE A 392 -15.24 -25.30 6.48
N GLU A 393 -14.17 -25.32 5.67
CA GLU A 393 -13.74 -26.50 4.92
C GLU A 393 -14.85 -26.99 3.99
N ARG A 394 -15.12 -26.14 2.99
CA ARG A 394 -16.11 -26.49 1.97
C ARG A 394 -15.76 -27.82 1.31
N ASN A 395 -16.75 -28.70 1.20
CA ASN A 395 -16.54 -30.05 0.67
C ASN A 395 -16.61 -30.05 -0.85
N SER A 396 -15.69 -29.31 -1.46
CA SER A 396 -15.69 -29.17 -2.92
C SER A 396 -15.42 -30.51 -3.60
N GLU A 397 -14.47 -31.29 -3.07
CA GLU A 397 -14.14 -32.57 -3.69
C GLU A 397 -15.23 -33.59 -3.47
N SER A 398 -15.75 -33.70 -2.24
CA SER A 398 -16.74 -34.72 -1.89
C SER A 398 -17.88 -34.06 -1.13
N GLY A 399 -18.90 -33.60 -1.87
CA GLY A 399 -20.09 -33.05 -1.29
C GLY A 399 -21.32 -33.82 -1.74
N VAL A 400 -22.44 -33.57 -1.07
CA VAL A 400 -23.68 -34.28 -1.39
C VAL A 400 -24.19 -33.85 -2.76
N GLU A 401 -24.24 -32.53 -3.00
CA GLU A 401 -24.70 -31.97 -4.28
C GLU A 401 -26.11 -32.49 -4.62
N LEU A 402 -27.06 -32.10 -3.79
CA LEU A 402 -28.45 -32.46 -4.02
C LEU A 402 -28.91 -31.92 -5.37
N ASP A 403 -29.68 -32.73 -6.10
CA ASP A 403 -30.02 -32.42 -7.48
C ASP A 403 -31.27 -31.53 -7.59
N SER A 404 -32.40 -32.01 -7.09
CA SER A 404 -33.66 -31.29 -7.21
C SER A 404 -34.01 -30.70 -5.84
N VAL A 405 -33.50 -29.50 -5.58
CA VAL A 405 -33.79 -28.81 -4.33
C VAL A 405 -35.23 -28.34 -4.33
N THR A 406 -35.94 -28.59 -3.23
CA THR A 406 -37.35 -28.26 -3.12
C THR A 406 -37.60 -26.95 -2.39
N GLY A 407 -36.84 -26.67 -1.33
CA GLY A 407 -36.97 -25.40 -0.65
C GLY A 407 -37.15 -25.49 0.86
N LEU A 408 -37.30 -26.71 1.37
CA LEU A 408 -37.48 -26.91 2.81
C LEU A 408 -36.13 -26.69 3.50
N VAL A 409 -36.01 -25.58 4.24
CA VAL A 409 -34.78 -25.27 4.97
C VAL A 409 -35.13 -25.05 6.43
N GLU A 410 -34.40 -25.71 7.33
CA GLU A 410 -34.73 -25.71 8.74
C GLU A 410 -33.51 -25.32 9.57
N LEU A 411 -33.77 -24.65 10.68
CA LEU A 411 -32.79 -24.41 11.73
C LEU A 411 -33.28 -25.18 12.96
N LYS A 412 -32.59 -26.27 13.28
CA LYS A 412 -32.99 -27.18 14.36
C LYS A 412 -32.08 -26.98 15.56
N ASN A 413 -32.65 -26.48 16.65
CA ASN A 413 -31.98 -26.34 17.94
C ASN A 413 -30.63 -25.65 17.79
N VAL A 414 -30.64 -24.54 17.06
CA VAL A 414 -29.42 -23.82 16.73
C VAL A 414 -29.02 -22.96 17.91
N ASP A 415 -27.84 -23.24 18.46
CA ASP A 415 -27.21 -22.40 19.47
C ASP A 415 -26.02 -21.74 18.80
N PHE A 416 -26.07 -20.41 18.66
CA PHE A 416 -25.04 -19.68 17.95
C PHE A 416 -24.58 -18.48 18.74
N SER A 417 -23.26 -18.30 18.80
CA SER A 417 -22.63 -17.10 19.36
C SER A 417 -21.53 -16.67 18.43
N TYR A 418 -21.44 -15.36 18.18
CA TYR A 418 -20.50 -14.85 17.22
C TYR A 418 -19.05 -15.04 17.70
N PRO A 419 -18.13 -15.32 16.79
CA PRO A 419 -16.72 -15.48 17.21
C PRO A 419 -16.11 -14.22 17.79
N SER A 420 -16.57 -13.04 17.38
CA SER A 420 -16.03 -11.80 17.92
C SER A 420 -16.49 -11.56 19.35
N ARG A 421 -17.71 -11.98 19.69
CA ARG A 421 -18.26 -11.84 21.04
C ARG A 421 -18.83 -13.18 21.48
N PRO A 422 -17.97 -14.15 21.80
CA PRO A 422 -18.47 -15.50 22.11
C PRO A 422 -19.33 -15.55 23.36
N ASP A 423 -19.22 -14.57 24.26
CA ASP A 423 -20.01 -14.62 25.49
C ASP A 423 -21.48 -14.32 25.24
N VAL A 424 -21.78 -13.46 24.28
CA VAL A 424 -23.18 -13.12 23.98
C VAL A 424 -23.76 -14.20 23.08
N LYS A 425 -24.82 -14.86 23.55
CA LYS A 425 -25.47 -15.93 22.82
C LYS A 425 -26.66 -15.33 22.06
N ILE A 426 -26.48 -15.12 20.76
CA ILE A 426 -27.50 -14.48 19.95
C ILE A 426 -28.72 -15.38 19.81
N LEU A 427 -28.50 -16.66 19.49
CA LEU A 427 -29.58 -17.61 19.28
C LEU A 427 -29.34 -18.83 20.17
N ASN A 428 -30.35 -19.18 20.97
CA ASN A 428 -30.30 -20.36 21.82
C ASN A 428 -31.52 -21.23 21.54
N ASN A 429 -31.27 -22.48 21.16
CA ASN A 429 -32.32 -23.45 20.85
C ASN A 429 -33.31 -22.86 19.84
N PHE A 430 -32.76 -22.26 18.79
CA PHE A 430 -33.56 -21.60 17.77
C PHE A 430 -34.02 -22.63 16.74
N CYS A 431 -35.33 -22.71 16.53
CA CYS A 431 -35.93 -23.63 15.58
C CYS A 431 -36.82 -22.84 14.63
N LEU A 432 -36.65 -23.08 13.32
CA LEU A 432 -37.43 -22.35 12.32
C LEU A 432 -37.42 -23.16 11.02
N SER A 433 -38.59 -23.55 10.55
CA SER A 433 -38.72 -24.39 9.36
C SER A 433 -39.38 -23.58 8.25
N VAL A 434 -38.58 -23.07 7.34
CA VAL A 434 -39.08 -22.41 6.13
C VAL A 434 -39.48 -23.51 5.15
N PRO A 435 -40.75 -23.56 4.73
CA PRO A 435 -41.25 -24.70 3.96
C PRO A 435 -40.74 -24.75 2.53
N ALA A 436 -41.26 -25.70 1.75
CA ALA A 436 -40.78 -25.92 0.39
C ALA A 436 -41.04 -24.71 -0.49
N GLY A 437 -42.24 -24.14 -0.41
CA GLY A 437 -42.59 -23.04 -1.29
C GLY A 437 -43.39 -21.94 -0.63
N LYS A 438 -43.28 -21.81 0.69
CA LYS A 438 -43.98 -20.79 1.44
C LYS A 438 -43.01 -19.69 1.88
N THR A 439 -43.54 -18.48 2.02
CA THR A 439 -42.76 -17.33 2.43
C THR A 439 -42.89 -17.11 3.92
N ILE A 440 -41.77 -16.83 4.58
CA ILE A 440 -41.71 -16.60 6.01
C ILE A 440 -41.31 -15.16 6.25
N ALA A 441 -42.13 -14.43 7.00
CA ALA A 441 -41.80 -13.07 7.42
C ALA A 441 -41.20 -13.14 8.82
N LEU A 442 -39.93 -12.72 8.93
CA LEU A 442 -39.21 -12.79 10.19
C LEU A 442 -39.35 -11.46 10.91
N VAL A 443 -40.37 -11.36 11.75
CA VAL A 443 -40.57 -10.18 12.58
C VAL A 443 -39.75 -10.35 13.86
N GLY A 444 -39.24 -9.25 14.39
CA GLY A 444 -38.47 -9.35 15.62
C GLY A 444 -37.95 -8.00 16.04
N SER A 445 -37.20 -8.02 17.15
CA SER A 445 -36.60 -6.82 17.70
C SER A 445 -35.27 -6.53 17.01
N SER A 446 -34.88 -5.26 17.06
CA SER A 446 -33.58 -4.87 16.54
C SER A 446 -32.47 -5.51 17.37
N GLY A 447 -31.45 -6.02 16.69
CA GLY A 447 -30.39 -6.73 17.37
C GLY A 447 -30.82 -8.03 18.00
N SER A 448 -31.65 -8.81 17.31
CA SER A 448 -32.11 -10.11 17.83
C SER A 448 -32.31 -11.04 16.63
N GLY A 449 -31.29 -11.85 16.36
CA GLY A 449 -31.39 -12.81 15.27
C GLY A 449 -31.58 -12.12 13.94
N LYS A 450 -32.58 -12.58 13.18
CA LYS A 450 -32.93 -12.02 11.88
C LYS A 450 -31.76 -12.08 10.91
N SER A 451 -30.99 -10.99 10.80
CA SER A 451 -29.86 -10.99 9.88
C SER A 451 -28.84 -12.06 10.23
N THR A 452 -28.75 -12.42 11.51
CA THR A 452 -27.88 -13.54 11.90
C THR A 452 -28.39 -14.85 11.30
N VAL A 453 -29.70 -15.07 11.33
CA VAL A 453 -30.29 -16.29 10.77
C VAL A 453 -29.90 -16.42 9.31
N VAL A 454 -29.99 -15.33 8.56
CA VAL A 454 -29.57 -15.35 7.15
C VAL A 454 -28.10 -15.77 7.06
N SER A 455 -27.25 -15.21 7.92
CA SER A 455 -25.84 -15.59 7.91
C SER A 455 -25.65 -17.07 8.20
N LEU A 456 -26.61 -17.69 8.89
CA LEU A 456 -26.55 -19.12 9.11
C LEU A 456 -26.94 -19.90 7.86
N ILE A 457 -27.93 -19.40 7.11
CA ILE A 457 -28.36 -20.09 5.90
C ILE A 457 -27.30 -19.98 4.81
N GLU A 458 -26.68 -18.81 4.69
CA GLU A 458 -25.63 -18.59 3.69
C GLU A 458 -24.34 -19.31 4.03
N ARG A 459 -24.27 -20.01 5.16
CA ARG A 459 -23.06 -20.69 5.61
C ARG A 459 -21.92 -19.70 5.85
N PHE A 460 -22.26 -18.48 6.24
CA PHE A 460 -21.22 -17.54 6.68
C PHE A 460 -20.59 -18.02 7.98
N TYR A 461 -21.40 -18.52 8.91
CA TYR A 461 -20.92 -19.08 10.16
C TYR A 461 -21.59 -20.42 10.38
N ASP A 462 -20.80 -21.40 10.81
CA ASP A 462 -21.39 -22.69 11.19
C ASP A 462 -22.06 -22.56 12.54
N PRO A 463 -23.26 -23.14 12.71
CA PRO A 463 -23.91 -23.09 14.03
C PRO A 463 -23.05 -23.75 15.09
N ASN A 464 -22.99 -23.12 16.26
CA ASN A 464 -22.05 -23.58 17.28
C ASN A 464 -22.53 -24.88 17.94
N SER A 465 -23.82 -24.96 18.28
CA SER A 465 -24.35 -26.14 18.95
C SER A 465 -25.74 -26.47 18.41
N GLY A 466 -25.91 -26.44 17.09
CA GLY A 466 -27.19 -26.77 16.49
C GLY A 466 -27.06 -27.40 15.13
N GLN A 467 -28.14 -27.40 14.35
CA GLN A 467 -28.06 -27.94 13.00
C GLN A 467 -28.82 -27.04 12.03
N VAL A 468 -28.31 -26.92 10.81
CA VAL A 468 -29.01 -26.26 9.71
C VAL A 468 -29.19 -27.29 8.60
N LEU A 469 -30.43 -27.48 8.17
CA LEU A 469 -30.80 -28.54 7.25
C LEU A 469 -31.39 -27.94 5.98
N LEU A 470 -31.02 -28.51 4.83
CA LEU A 470 -31.63 -28.16 3.56
C LEU A 470 -32.15 -29.44 2.93
N ASP A 471 -33.48 -29.58 2.90
CA ASP A 471 -34.13 -30.81 2.45
C ASP A 471 -33.62 -32.01 3.25
N GLY A 472 -33.51 -31.83 4.57
CA GLY A 472 -33.00 -32.89 5.43
C GLY A 472 -31.56 -33.25 5.19
N GLN A 473 -30.72 -32.28 4.80
CA GLN A 473 -29.29 -32.50 4.62
C GLN A 473 -28.53 -31.41 5.36
N ASP A 474 -27.61 -31.83 6.23
CA ASP A 474 -26.78 -30.88 6.96
C ASP A 474 -25.92 -30.08 5.99
N LEU A 475 -25.87 -28.76 6.19
CA LEU A 475 -25.13 -27.92 5.25
C LEU A 475 -23.63 -28.19 5.30
N LYS A 476 -23.12 -28.63 6.46
CA LYS A 476 -21.69 -28.91 6.57
C LYS A 476 -21.26 -30.16 5.82
N THR A 477 -22.19 -31.02 5.43
CA THR A 477 -21.86 -32.25 4.73
C THR A 477 -21.80 -32.09 3.22
N LEU A 478 -22.19 -30.94 2.69
CA LEU A 478 -22.19 -30.68 1.26
C LEU A 478 -21.55 -29.34 0.96
N LYS A 479 -20.96 -29.24 -0.22
CA LYS A 479 -20.18 -28.05 -0.57
C LYS A 479 -21.07 -26.82 -0.67
N LEU A 480 -20.54 -25.69 -0.19
CA LEU A 480 -21.29 -24.44 -0.15
C LEU A 480 -21.30 -23.70 -1.47
N ARG A 481 -20.52 -24.15 -2.46
CA ARG A 481 -20.54 -23.49 -3.76
C ARG A 481 -21.92 -23.54 -4.39
N TRP A 482 -22.50 -24.74 -4.50
CA TRP A 482 -23.83 -24.85 -5.08
C TRP A 482 -24.92 -24.34 -4.14
N LEU A 483 -24.66 -24.32 -2.83
CA LEU A 483 -25.56 -23.62 -1.92
C LEU A 483 -25.69 -22.15 -2.31
N ARG A 484 -24.58 -21.42 -2.25
CA ARG A 484 -24.62 -20.01 -2.61
C ARG A 484 -25.02 -19.79 -4.06
N GLN A 485 -24.85 -20.80 -4.92
CA GLN A 485 -25.42 -20.72 -6.26
C GLN A 485 -26.95 -20.85 -6.25
N GLN A 486 -27.50 -21.57 -5.27
CA GLN A 486 -28.94 -21.77 -5.19
C GLN A 486 -29.64 -20.81 -4.23
N ILE A 487 -28.91 -19.86 -3.65
CA ILE A 487 -29.48 -18.90 -2.72
C ILE A 487 -29.29 -17.50 -3.27
N GLY A 488 -30.39 -16.75 -3.37
CA GLY A 488 -30.34 -15.37 -3.80
C GLY A 488 -30.52 -14.43 -2.64
N LEU A 489 -29.48 -13.68 -2.28
CA LEU A 489 -29.45 -12.89 -1.07
C LEU A 489 -29.51 -11.41 -1.41
N VAL A 490 -30.42 -10.68 -0.73
CA VAL A 490 -30.46 -9.23 -0.75
C VAL A 490 -30.19 -8.78 0.68
N SER A 491 -28.94 -8.44 0.97
CA SER A 491 -28.53 -8.13 2.33
C SER A 491 -29.11 -6.80 2.80
N GLN A 492 -28.90 -6.51 4.09
CA GLN A 492 -29.44 -5.28 4.67
C GLN A 492 -28.81 -4.05 4.04
N GLU A 493 -27.50 -4.03 3.91
CA GLU A 493 -26.80 -2.94 3.26
C GLU A 493 -26.33 -3.37 1.88
N PRO A 494 -26.93 -2.87 0.80
CA PRO A 494 -26.51 -3.31 -0.54
C PRO A 494 -25.08 -2.92 -0.84
N ALA A 495 -24.20 -3.91 -0.97
CA ALA A 495 -22.79 -3.68 -1.21
C ALA A 495 -22.54 -3.69 -2.72
N LEU A 496 -22.47 -2.50 -3.31
CA LEU A 496 -22.18 -2.35 -4.73
C LEU A 496 -20.68 -2.13 -4.94
N PHE A 497 -20.19 -2.59 -6.08
CA PHE A 497 -18.78 -2.53 -6.39
C PHE A 497 -18.45 -1.27 -7.19
N ALA A 498 -17.18 -1.13 -7.58
CA ALA A 498 -16.70 0.05 -8.26
C ALA A 498 -16.85 -0.03 -9.77
N THR A 499 -17.38 -1.12 -10.30
CA THR A 499 -17.57 -1.27 -11.75
C THR A 499 -18.88 -0.62 -12.16
N SER A 500 -19.28 -0.82 -13.41
CA SER A 500 -20.54 -0.29 -13.89
C SER A 500 -21.70 -1.07 -13.28
N ILE A 501 -22.90 -0.48 -13.39
CA ILE A 501 -24.08 -1.13 -12.83
C ILE A 501 -24.42 -2.40 -13.61
N LYS A 502 -24.04 -2.45 -14.89
CA LYS A 502 -24.26 -3.67 -15.66
C LYS A 502 -23.44 -4.82 -15.10
N GLU A 503 -22.19 -4.54 -14.70
CA GLU A 503 -21.38 -5.59 -14.07
C GLU A 503 -21.87 -5.93 -12.67
N ASN A 504 -22.43 -4.96 -11.96
CA ASN A 504 -22.99 -5.23 -10.64
C ASN A 504 -24.20 -6.16 -10.75
N ILE A 505 -25.08 -5.91 -11.73
CA ILE A 505 -26.20 -6.81 -11.95
C ILE A 505 -25.72 -8.15 -12.46
N LEU A 506 -24.70 -8.16 -13.32
CA LEU A 506 -24.16 -9.38 -13.90
C LEU A 506 -23.47 -10.26 -12.86
N LEU A 507 -23.24 -9.75 -11.65
CA LEU A 507 -22.56 -10.55 -10.62
C LEU A 507 -23.38 -11.79 -10.26
N GLY A 508 -24.70 -11.71 -10.38
CA GLY A 508 -25.52 -12.88 -10.07
C GLY A 508 -25.30 -14.03 -11.03
N ARG A 509 -25.21 -13.75 -12.33
CA ARG A 509 -24.99 -14.77 -13.34
C ARG A 509 -24.06 -14.19 -14.41
N PRO A 510 -22.76 -14.50 -14.35
CA PRO A 510 -21.82 -13.89 -15.31
C PRO A 510 -22.14 -14.20 -16.77
N ASP A 511 -22.62 -15.41 -17.06
CA ASP A 511 -22.90 -15.82 -18.42
C ASP A 511 -24.39 -15.61 -18.73
N ALA A 512 -24.78 -14.34 -18.76
CA ALA A 512 -26.15 -13.95 -19.02
C ALA A 512 -26.19 -12.99 -20.20
N ASP A 513 -27.23 -13.09 -21.02
CA ASP A 513 -27.41 -12.22 -22.17
C ASP A 513 -27.86 -10.83 -21.72
N GLN A 514 -27.72 -9.87 -22.64
CA GLN A 514 -28.14 -8.50 -22.36
C GLN A 514 -29.65 -8.43 -22.13
N VAL A 515 -30.41 -9.24 -22.85
CA VAL A 515 -31.87 -9.25 -22.67
C VAL A 515 -32.21 -9.76 -21.28
N GLU A 516 -31.46 -10.73 -20.76
CA GLU A 516 -31.70 -11.22 -19.41
C GLU A 516 -31.39 -10.15 -18.38
N ILE A 517 -30.30 -9.40 -18.57
CA ILE A 517 -29.99 -8.30 -17.66
C ILE A 517 -31.10 -7.25 -17.69
N GLU A 518 -31.57 -6.91 -18.89
CA GLU A 518 -32.63 -5.92 -19.02
C GLU A 518 -33.92 -6.40 -18.35
N GLU A 519 -34.25 -7.69 -18.51
CA GLU A 519 -35.44 -8.22 -17.84
C GLU A 519 -35.30 -8.18 -16.32
N ALA A 520 -34.13 -8.57 -15.80
CA ALA A 520 -33.91 -8.54 -14.37
C ALA A 520 -34.02 -7.13 -13.83
N ALA A 521 -33.50 -6.15 -14.56
CA ALA A 521 -33.63 -4.76 -14.14
C ALA A 521 -35.08 -4.28 -14.24
N ARG A 522 -35.81 -4.75 -15.25
CA ARG A 522 -37.18 -4.33 -15.45
C ARG A 522 -38.08 -4.82 -14.31
N VAL A 523 -37.94 -6.08 -13.93
CA VAL A 523 -38.81 -6.61 -12.88
C VAL A 523 -38.46 -5.98 -11.54
N ALA A 524 -37.18 -5.73 -11.28
CA ALA A 524 -36.75 -5.08 -10.06
C ALA A 524 -36.98 -3.57 -10.08
N ASN A 525 -37.75 -3.07 -11.04
CA ASN A 525 -38.09 -1.65 -11.14
C ASN A 525 -36.83 -0.79 -11.22
N ALA A 526 -35.85 -1.26 -11.99
CA ALA A 526 -34.60 -0.54 -12.15
C ALA A 526 -34.38 0.02 -13.56
N HIS A 527 -35.15 -0.45 -14.54
CA HIS A 527 -34.93 -0.01 -15.92
C HIS A 527 -35.20 1.48 -16.10
N SER A 528 -36.22 1.99 -15.40
CA SER A 528 -36.66 3.37 -15.62
C SER A 528 -35.54 4.37 -15.29
N PHE A 529 -34.87 4.18 -14.16
CA PHE A 529 -33.80 5.09 -13.78
C PHE A 529 -32.47 4.76 -14.45
N ILE A 530 -32.35 3.57 -15.04
CA ILE A 530 -31.09 3.21 -15.69
C ILE A 530 -31.06 3.73 -17.13
N ILE A 531 -32.17 3.56 -17.87
CA ILE A 531 -32.21 4.08 -19.23
C ILE A 531 -32.21 5.60 -19.24
N LYS A 532 -32.63 6.24 -18.15
CA LYS A 532 -32.58 7.69 -18.07
C LYS A 532 -31.15 8.21 -17.93
N LEU A 533 -30.23 7.39 -17.42
CA LEU A 533 -28.85 7.80 -17.32
C LEU A 533 -28.25 7.99 -18.71
N PRO A 534 -27.40 9.00 -18.91
CA PRO A 534 -26.82 9.20 -20.25
C PRO A 534 -26.00 8.03 -20.75
N ASP A 535 -25.29 7.34 -19.86
CA ASP A 535 -24.40 6.25 -20.24
C ASP A 535 -25.09 4.89 -20.20
N GLY A 536 -26.36 4.83 -19.79
CA GLY A 536 -27.07 3.57 -19.80
C GLY A 536 -26.53 2.58 -18.78
N PHE A 537 -26.65 1.30 -19.12
CA PHE A 537 -26.21 0.24 -18.23
C PHE A 537 -24.70 0.27 -17.98
N ASP A 538 -23.93 0.87 -18.88
CA ASP A 538 -22.48 0.95 -18.72
C ASP A 538 -22.04 2.05 -17.77
N THR A 539 -22.98 2.68 -17.06
CA THR A 539 -22.67 3.77 -16.14
C THR A 539 -21.77 3.28 -15.01
N GLN A 540 -20.50 3.71 -15.03
CA GLN A 540 -19.51 3.28 -14.04
C GLN A 540 -19.42 4.35 -12.96
N VAL A 541 -20.28 4.25 -11.96
CA VAL A 541 -20.36 5.23 -10.88
C VAL A 541 -20.39 4.52 -9.53
N GLY A 542 -19.60 5.03 -8.60
CA GLY A 542 -19.66 4.60 -7.21
C GLY A 542 -18.52 3.72 -6.75
N GLU A 543 -18.00 4.00 -5.55
CA GLU A 543 -17.08 3.10 -4.87
C GLU A 543 -17.84 2.17 -3.93
N ARG A 544 -18.62 2.74 -3.02
CA ARG A 544 -19.61 2.02 -2.23
C ARG A 544 -21.01 2.18 -2.81
N GLY A 545 -21.12 2.58 -4.07
CA GLY A 545 -22.39 2.99 -4.63
C GLY A 545 -22.79 4.42 -4.29
N LEU A 546 -21.85 5.23 -3.79
CA LEU A 546 -22.16 6.58 -3.33
C LEU A 546 -22.51 7.53 -4.47
N GLN A 547 -22.29 7.13 -5.73
CA GLN A 547 -22.67 7.95 -6.87
C GLN A 547 -24.07 7.64 -7.36
N LEU A 548 -24.80 6.77 -6.69
CA LEU A 548 -26.22 6.54 -6.93
C LEU A 548 -26.98 6.94 -5.67
N SER A 549 -28.30 7.09 -5.83
CA SER A 549 -29.12 7.46 -4.69
C SER A 549 -29.29 6.25 -3.76
N GLY A 550 -30.04 6.47 -2.68
CA GLY A 550 -30.25 5.38 -1.73
C GLY A 550 -31.05 4.24 -2.32
N GLY A 551 -32.13 4.55 -3.03
CA GLY A 551 -32.97 3.51 -3.59
C GLY A 551 -32.43 2.89 -4.86
N GLN A 552 -31.64 3.64 -5.63
CA GLN A 552 -31.13 3.10 -6.89
C GLN A 552 -30.19 1.94 -6.65
N LYS A 553 -29.24 2.08 -5.72
CA LYS A 553 -28.32 0.99 -5.43
C LYS A 553 -29.03 -0.21 -4.84
N GLN A 554 -30.05 0.03 -4.02
CA GLN A 554 -30.83 -1.07 -3.44
C GLN A 554 -31.59 -1.83 -4.53
N ARG A 555 -32.18 -1.11 -5.48
CA ARG A 555 -32.87 -1.77 -6.58
C ARG A 555 -31.89 -2.50 -7.49
N ILE A 556 -30.68 -1.96 -7.65
CA ILE A 556 -29.66 -2.67 -8.42
C ILE A 556 -29.25 -3.95 -7.73
N ALA A 557 -29.14 -3.93 -6.40
CA ALA A 557 -28.84 -5.15 -5.66
C ALA A 557 -29.98 -6.16 -5.79
N ILE A 558 -31.22 -5.69 -5.75
CA ILE A 558 -32.36 -6.58 -5.93
C ILE A 558 -32.33 -7.20 -7.32
N ALA A 559 -32.01 -6.41 -8.34
CA ALA A 559 -31.90 -6.95 -9.70
C ALA A 559 -30.77 -7.97 -9.80
N ARG A 560 -29.64 -7.69 -9.15
CA ARG A 560 -28.53 -8.64 -9.17
C ARG A 560 -28.92 -9.97 -8.53
N ALA A 561 -29.62 -9.90 -7.40
CA ALA A 561 -30.03 -11.15 -6.74
C ALA A 561 -31.09 -11.88 -7.55
N MET A 562 -31.98 -11.14 -8.20
CA MET A 562 -33.07 -11.76 -8.96
C MET A 562 -32.61 -12.32 -10.30
N LEU A 563 -31.52 -11.81 -10.86
CA LEU A 563 -30.97 -12.38 -12.08
C LEU A 563 -30.55 -13.84 -11.86
N LYS A 564 -29.86 -14.09 -10.76
CA LYS A 564 -29.49 -15.44 -10.36
C LYS A 564 -30.74 -16.09 -9.77
N ASN A 565 -31.53 -16.73 -10.63
CA ASN A 565 -32.80 -17.33 -10.23
C ASN A 565 -32.57 -18.38 -9.16
N PRO A 566 -32.93 -18.10 -7.91
CA PRO A 566 -32.66 -19.05 -6.83
C PRO A 566 -33.83 -19.96 -6.52
N ALA A 567 -33.57 -21.05 -5.82
CA ALA A 567 -34.65 -21.82 -5.20
C ALA A 567 -34.97 -21.30 -3.82
N ILE A 568 -33.97 -20.73 -3.13
CA ILE A 568 -34.15 -20.09 -1.84
C ILE A 568 -33.76 -18.63 -1.98
N LEU A 569 -34.67 -17.73 -1.59
CA LEU A 569 -34.43 -16.30 -1.70
C LEU A 569 -34.52 -15.68 -0.31
N LEU A 570 -33.46 -14.97 0.08
CA LEU A 570 -33.40 -14.27 1.35
C LEU A 570 -33.42 -12.78 1.10
N LEU A 571 -34.34 -12.08 1.76
CA LEU A 571 -34.51 -10.63 1.61
C LEU A 571 -34.39 -10.00 2.99
N ASP A 572 -33.18 -9.59 3.36
CA ASP A 572 -32.96 -8.95 4.66
C ASP A 572 -33.20 -7.45 4.49
N GLU A 573 -34.45 -7.04 4.71
CA GLU A 573 -34.87 -5.65 4.53
C GLU A 573 -34.56 -5.17 3.10
N ALA A 574 -35.12 -5.89 2.13
CA ALA A 574 -34.87 -5.58 0.73
C ALA A 574 -35.49 -4.23 0.34
N THR A 575 -36.67 -3.92 0.87
CA THR A 575 -37.32 -2.66 0.54
C THR A 575 -36.64 -1.49 1.25
N SER A 576 -36.66 -1.50 2.58
CA SER A 576 -35.96 -0.51 3.40
C SER A 576 -36.23 0.92 2.94
N ALA A 577 -35.27 1.50 2.23
CA ALA A 577 -35.34 2.90 1.80
C ALA A 577 -35.76 2.96 0.33
N LEU A 578 -37.06 3.10 0.11
CA LEU A 578 -37.61 3.27 -1.23
C LEU A 578 -38.82 4.19 -1.14
N ASP A 579 -39.18 4.78 -2.29
CA ASP A 579 -40.40 5.56 -2.36
C ASP A 579 -41.61 4.65 -2.25
N SER A 580 -42.74 5.23 -1.84
CA SER A 580 -43.95 4.44 -1.62
C SER A 580 -44.38 3.72 -2.88
N GLU A 581 -44.49 4.45 -4.00
CA GLU A 581 -44.85 3.81 -5.27
C GLU A 581 -43.80 2.81 -5.70
N SER A 582 -42.52 3.18 -5.58
CA SER A 582 -41.45 2.26 -5.96
C SER A 582 -41.46 1.03 -5.06
N GLU A 583 -41.68 1.21 -3.76
CA GLU A 583 -41.73 0.07 -2.85
C GLU A 583 -42.88 -0.86 -3.19
N LYS A 584 -44.06 -0.30 -3.50
CA LYS A 584 -45.20 -1.12 -3.88
C LYS A 584 -44.91 -1.90 -5.15
N LEU A 585 -44.33 -1.24 -6.16
CA LEU A 585 -44.03 -1.92 -7.41
C LEU A 585 -43.02 -3.04 -7.20
N VAL A 586 -41.95 -2.77 -6.44
CA VAL A 586 -40.92 -3.78 -6.21
C VAL A 586 -41.49 -4.95 -5.42
N GLN A 587 -42.29 -4.68 -4.39
CA GLN A 587 -42.83 -5.77 -3.60
C GLN A 587 -43.83 -6.60 -4.40
N GLU A 588 -44.62 -5.97 -5.27
CA GLU A 588 -45.55 -6.74 -6.10
C GLU A 588 -44.81 -7.58 -7.13
N ALA A 589 -43.76 -7.03 -7.73
CA ALA A 589 -42.96 -7.80 -8.68
C ALA A 589 -42.28 -8.97 -7.99
N LEU A 590 -41.79 -8.76 -6.77
CA LEU A 590 -41.21 -9.87 -6.01
C LEU A 590 -42.27 -10.92 -5.69
N ASP A 591 -43.48 -10.48 -5.30
CA ASP A 591 -44.54 -11.43 -4.97
C ASP A 591 -44.90 -12.29 -6.18
N ARG A 592 -45.00 -11.69 -7.35
CA ARG A 592 -45.22 -12.50 -8.55
C ARG A 592 -43.95 -13.23 -8.99
N PHE A 593 -42.80 -12.89 -8.41
CA PHE A 593 -41.55 -13.60 -8.68
C PHE A 593 -41.28 -14.71 -7.67
N MET A 594 -41.94 -14.70 -6.52
CA MET A 594 -41.72 -15.66 -5.45
C MET A 594 -42.76 -16.78 -5.45
N ILE A 595 -43.40 -17.04 -6.59
CA ILE A 595 -44.49 -18.01 -6.63
C ILE A 595 -43.97 -19.42 -6.40
N GLY A 596 -42.90 -19.79 -7.11
CA GLY A 596 -42.41 -21.16 -7.10
C GLY A 596 -41.21 -21.43 -6.23
N ARG A 597 -40.68 -20.44 -5.52
CA ARG A 597 -39.48 -20.61 -4.72
C ARG A 597 -39.72 -20.11 -3.30
N THR A 598 -39.07 -20.77 -2.35
CA THR A 598 -39.20 -20.41 -0.95
C THR A 598 -38.37 -19.18 -0.62
N THR A 599 -38.89 -18.33 0.26
CA THR A 599 -38.26 -17.06 0.58
C THR A 599 -38.37 -16.78 2.07
N LEU A 600 -37.27 -16.28 2.64
CA LEU A 600 -37.24 -15.76 4.00
C LEU A 600 -37.08 -14.25 3.92
N ILE A 601 -38.06 -13.52 4.47
CA ILE A 601 -38.11 -12.07 4.37
C ILE A 601 -38.02 -11.48 5.76
N ILE A 602 -37.06 -10.58 5.96
CA ILE A 602 -36.94 -9.79 7.19
C ILE A 602 -37.44 -8.39 6.86
N ALA A 603 -38.53 -7.98 7.49
CA ALA A 603 -39.11 -6.68 7.20
C ALA A 603 -39.95 -6.22 8.38
N HIS A 604 -39.83 -4.95 8.72
CA HIS A 604 -40.60 -4.33 9.80
C HIS A 604 -41.72 -3.45 9.25
N ARG A 605 -42.24 -3.79 8.07
CA ARG A 605 -43.35 -3.08 7.46
C ARG A 605 -44.50 -4.04 7.24
N LEU A 606 -45.72 -3.60 7.59
CA LEU A 606 -46.87 -4.48 7.54
C LEU A 606 -47.26 -4.87 6.11
N SER A 607 -46.83 -4.09 5.11
CA SER A 607 -47.21 -4.39 3.73
C SER A 607 -46.68 -5.76 3.30
N THR A 608 -45.40 -6.03 3.55
CA THR A 608 -44.82 -7.32 3.19
C THR A 608 -45.33 -8.42 4.11
N ILE A 609 -45.56 -8.09 5.39
CA ILE A 609 -46.02 -9.09 6.34
C ILE A 609 -47.40 -9.61 5.95
N ARG A 610 -48.26 -8.73 5.45
CA ARG A 610 -49.59 -9.14 5.04
C ARG A 610 -49.54 -10.17 3.91
N LYS A 611 -48.69 -9.93 2.90
CA LYS A 611 -48.59 -10.85 1.79
C LYS A 611 -47.83 -12.12 2.13
N ALA A 612 -47.08 -12.12 3.23
CA ALA A 612 -46.30 -13.30 3.60
C ALA A 612 -47.20 -14.45 4.02
N ASP A 613 -46.75 -15.66 3.71
CA ASP A 613 -47.55 -16.85 4.02
C ASP A 613 -47.57 -17.11 5.52
N LEU A 614 -46.40 -17.31 6.13
CA LEU A 614 -46.30 -17.52 7.56
C LEU A 614 -45.44 -16.42 8.18
N VAL A 615 -45.65 -16.18 9.47
CA VAL A 615 -44.96 -15.13 10.21
C VAL A 615 -44.30 -15.76 11.43
N ALA A 616 -43.02 -15.46 11.62
CA ALA A 616 -42.25 -15.97 12.75
C ALA A 616 -41.70 -14.79 13.55
N VAL A 617 -42.02 -14.75 14.83
CA VAL A 617 -41.55 -13.70 15.72
C VAL A 617 -40.32 -14.21 16.46
N LEU A 618 -39.22 -13.48 16.37
CA LEU A 618 -37.96 -13.85 16.99
C LEU A 618 -37.78 -13.02 18.25
N GLN A 619 -37.58 -13.70 19.38
CA GLN A 619 -37.46 -13.04 20.67
C GLN A 619 -36.52 -13.84 21.55
N GLN A 620 -35.49 -13.17 22.08
CA GLN A 620 -34.49 -13.80 22.95
C GLN A 620 -33.85 -15.01 22.28
N GLY A 621 -33.55 -14.87 20.99
CA GLY A 621 -32.90 -15.94 20.24
C GLY A 621 -33.72 -17.20 20.08
N SER A 622 -35.02 -17.07 19.86
CA SER A 622 -35.90 -18.20 19.65
C SER A 622 -37.10 -17.72 18.83
N VAL A 623 -38.11 -18.58 18.69
CA VAL A 623 -39.33 -18.25 17.96
C VAL A 623 -40.48 -18.26 18.95
N SER A 624 -41.20 -17.14 19.02
CA SER A 624 -42.32 -17.01 19.93
C SER A 624 -43.61 -17.50 19.28
N ASP A 722 13.83 18.04 -13.04
CA ASP A 722 15.03 17.61 -12.35
C ASP A 722 15.22 18.39 -11.05
N GLN A 723 16.28 19.18 -10.97
CA GLN A 723 16.55 19.92 -9.74
C GLN A 723 15.59 21.08 -9.57
N ALA A 724 15.24 21.75 -10.66
CA ALA A 724 14.37 22.92 -10.59
C ALA A 724 12.95 22.58 -10.18
N ASN A 725 12.56 21.31 -10.20
CA ASN A 725 11.20 20.93 -9.88
C ASN A 725 11.05 19.72 -8.97
N SER A 726 12.11 18.95 -8.71
CA SER A 726 12.01 17.77 -7.87
C SER A 726 12.87 17.85 -6.62
N PHE A 727 14.17 18.14 -6.77
CA PHE A 727 15.09 18.06 -5.64
C PHE A 727 15.15 19.35 -4.83
N TRP A 728 15.18 20.51 -5.49
CA TRP A 728 15.22 21.76 -4.74
C TRP A 728 13.93 22.00 -3.97
N ARG A 729 12.79 21.56 -4.52
CA ARG A 729 11.54 21.68 -3.79
C ARG A 729 11.55 20.81 -2.53
N LEU A 730 12.10 19.59 -2.64
CA LEU A 730 12.27 18.77 -1.44
C LEU A 730 13.19 19.43 -0.43
N ALA A 731 14.30 20.00 -0.90
CA ALA A 731 15.25 20.64 0.01
C ALA A 731 14.61 21.82 0.74
N LYS A 732 13.84 22.64 0.02
CA LYS A 732 13.12 23.74 0.65
C LYS A 732 12.08 23.21 1.64
N MET A 733 11.36 22.16 1.26
CA MET A 733 10.38 21.56 2.16
C MET A 733 11.05 20.96 3.38
N ASN A 734 12.18 20.30 3.19
CA ASN A 734 12.89 19.57 4.25
C ASN A 734 14.12 20.32 4.73
N SER A 735 14.04 21.65 4.81
CA SER A 735 15.16 22.45 5.29
C SER A 735 15.57 22.10 6.72
N PRO A 736 14.66 21.97 7.71
CA PRO A 736 15.13 21.79 9.09
C PRO A 736 15.66 20.39 9.37
N GLU A 737 16.46 19.88 8.44
CA GLU A 737 17.28 18.70 8.66
C GLU A 737 18.67 18.87 8.07
N TRP A 738 18.94 19.99 7.39
CA TRP A 738 20.23 20.19 6.74
C TRP A 738 21.40 20.10 7.71
N LYS A 739 21.15 20.32 9.00
CA LYS A 739 22.17 20.04 10.01
C LYS A 739 22.58 18.57 9.94
N TYR A 740 21.64 17.67 10.25
CA TYR A 740 21.97 16.24 10.30
C TYR A 740 22.59 15.78 8.99
N ALA A 741 21.94 16.10 7.87
CA ALA A 741 22.47 15.73 6.57
C ALA A 741 23.92 16.18 6.43
N LEU A 742 24.18 17.45 6.76
CA LEU A 742 25.55 17.97 6.67
C LEU A 742 26.50 17.05 7.42
N LEU A 743 26.18 16.74 8.68
CA LEU A 743 27.03 15.83 9.44
C LEU A 743 27.21 14.53 8.69
N GLY A 744 26.09 13.88 8.34
CA GLY A 744 26.19 12.64 7.60
C GLY A 744 26.98 12.84 6.32
N SER A 745 26.72 13.96 5.62
CA SER A 745 27.43 14.23 4.39
C SER A 745 28.93 14.17 4.61
N VAL A 746 29.44 14.91 5.61
CA VAL A 746 30.88 14.95 5.78
C VAL A 746 31.39 13.55 6.08
N GLY A 747 30.65 12.80 6.90
CA GLY A 747 31.05 11.43 7.18
C GLY A 747 31.26 10.65 5.91
N SER A 748 30.24 10.67 5.03
CA SER A 748 30.37 9.97 3.76
C SER A 748 31.61 10.45 3.02
N VAL A 749 31.77 11.77 2.90
CA VAL A 749 32.93 12.31 2.20
C VAL A 749 34.20 11.75 2.83
N ILE A 750 34.30 11.85 4.16
CA ILE A 750 35.49 11.38 4.84
C ILE A 750 35.74 9.92 4.50
N CYS A 751 34.67 9.11 4.58
CA CYS A 751 34.83 7.69 4.30
C CYS A 751 35.43 7.49 2.92
N GLY A 752 34.87 8.15 1.91
CA GLY A 752 35.39 7.99 0.57
C GLY A 752 36.86 8.32 0.50
N SER A 753 37.25 9.44 1.13
CA SER A 753 38.65 9.84 1.14
C SER A 753 39.53 8.69 1.65
N LEU A 754 39.17 8.12 2.80
CA LEU A 754 39.98 7.04 3.36
C LEU A 754 40.19 5.94 2.34
N SER A 755 39.11 5.54 1.65
CA SER A 755 39.25 4.52 0.62
C SER A 755 40.40 4.86 -0.30
N ALA A 756 40.31 6.01 -0.99
CA ALA A 756 41.41 6.43 -1.86
C ALA A 756 42.71 6.46 -1.09
N PHE A 757 42.71 7.14 0.05
CA PHE A 757 43.93 7.26 0.84
C PHE A 757 44.49 5.89 1.14
N PHE A 758 43.64 4.96 1.56
CA PHE A 758 44.12 3.63 1.92
C PHE A 758 44.88 3.03 0.75
N ALA A 759 44.28 3.07 -0.44
CA ALA A 759 44.94 2.53 -1.62
C ALA A 759 46.32 3.14 -1.78
N TYR A 760 46.39 4.47 -1.74
CA TYR A 760 47.67 5.15 -1.90
C TYR A 760 48.68 4.59 -0.92
N VAL A 761 48.30 4.53 0.37
CA VAL A 761 49.24 4.08 1.39
C VAL A 761 49.72 2.68 1.03
N LEU A 762 48.79 1.79 0.70
CA LEU A 762 49.17 0.41 0.39
C LEU A 762 50.15 0.39 -0.78
N SER A 763 49.86 1.18 -1.81
CA SER A 763 50.72 1.18 -2.98
C SER A 763 52.11 1.69 -2.64
N ALA A 764 52.19 2.65 -1.70
CA ALA A 764 53.50 3.09 -1.25
C ALA A 764 54.28 1.95 -0.64
N VAL A 765 53.62 1.13 0.17
CA VAL A 765 54.26 -0.05 0.74
C VAL A 765 54.75 -0.97 -0.36
N LEU A 766 54.04 -0.97 -1.49
CA LEU A 766 54.40 -1.81 -2.62
C LEU A 766 55.79 -1.48 -3.15
N SER A 767 56.28 -0.27 -2.93
CA SER A 767 57.64 0.08 -3.36
C SER A 767 58.66 -0.12 -2.25
N VAL A 768 58.22 -0.23 -1.00
CA VAL A 768 59.12 -0.47 0.11
C VAL A 768 59.67 -1.90 0.05
N TYR A 769 58.92 -2.82 -0.57
CA TYR A 769 59.28 -4.23 -0.55
C TYR A 769 60.59 -4.52 -1.27
N TYR A 770 61.02 -3.65 -2.18
CA TYR A 770 62.19 -3.93 -3.01
C TYR A 770 63.49 -3.40 -2.41
N ASN A 771 63.44 -2.72 -1.28
CA ASN A 771 64.65 -2.16 -0.69
C ASN A 771 65.43 -3.24 0.04
N PRO A 772 66.69 -3.51 -0.33
CA PRO A 772 67.46 -4.56 0.37
C PRO A 772 67.70 -4.27 1.85
N ASP A 773 67.66 -3.01 2.27
CA ASP A 773 67.87 -2.68 3.67
C ASP A 773 66.70 -3.19 4.49
N HIS A 774 66.94 -4.27 5.25
CA HIS A 774 65.84 -4.92 5.97
C HIS A 774 65.35 -4.08 7.14
N GLU A 775 66.25 -3.37 7.81
CA GLU A 775 65.84 -2.55 8.95
C GLU A 775 64.94 -1.41 8.51
N TYR A 776 65.36 -0.66 7.48
CA TYR A 776 64.54 0.44 6.98
C TYR A 776 63.20 -0.07 6.44
N MET A 777 63.23 -1.19 5.71
CA MET A 777 61.99 -1.74 5.18
C MET A 777 61.05 -2.15 6.31
N ILE A 778 61.58 -2.78 7.36
CA ILE A 778 60.74 -3.18 8.49
C ILE A 778 60.15 -1.95 9.18
N LYS A 779 60.96 -0.91 9.36
CA LYS A 779 60.45 0.29 10.01
C LYS A 779 59.34 0.94 9.19
N GLN A 780 59.52 1.00 7.87
CA GLN A 780 58.48 1.54 7.00
C GLN A 780 57.21 0.70 7.06
N ILE A 781 57.36 -0.63 7.05
CA ILE A 781 56.20 -1.50 7.13
C ILE A 781 55.44 -1.27 8.43
N ASP A 782 56.17 -1.14 9.54
CA ASP A 782 55.52 -0.90 10.83
C ASP A 782 54.80 0.44 10.85
N LYS A 783 55.45 1.49 10.34
CA LYS A 783 54.82 2.81 10.33
C LYS A 783 53.54 2.79 9.50
N TYR A 784 53.59 2.16 8.33
CA TYR A 784 52.40 2.08 7.49
C TYR A 784 51.33 1.20 8.11
N CYS A 785 51.71 0.18 8.87
CA CYS A 785 50.73 -0.63 9.59
C CYS A 785 50.00 0.19 10.65
N TYR A 786 50.74 1.01 11.41
CA TYR A 786 50.09 1.92 12.35
C TYR A 786 49.15 2.88 11.64
N LEU A 787 49.59 3.43 10.51
CA LEU A 787 48.73 4.34 9.75
C LEU A 787 47.47 3.63 9.28
N LEU A 788 47.59 2.40 8.82
CA LEU A 788 46.43 1.63 8.37
C LEU A 788 45.47 1.34 9.52
N ILE A 789 46.01 1.02 10.70
CA ILE A 789 45.14 0.78 11.86
C ILE A 789 44.38 2.05 12.23
N GLY A 790 45.07 3.19 12.23
CA GLY A 790 44.39 4.45 12.51
C GLY A 790 43.29 4.76 11.50
N LEU A 791 43.59 4.56 10.22
CA LEU A 791 42.58 4.78 9.19
C LEU A 791 41.43 3.80 9.32
N SER A 792 41.70 2.57 9.77
CA SER A 792 40.62 1.59 9.98
C SER A 792 39.68 2.05 11.08
N SER A 793 40.24 2.53 12.19
CA SER A 793 39.40 3.04 13.27
C SER A 793 38.59 4.26 12.81
N ALA A 794 39.23 5.16 12.05
CA ALA A 794 38.52 6.32 11.53
C ALA A 794 37.38 5.91 10.61
N ALA A 795 37.62 4.90 9.76
CA ALA A 795 36.57 4.41 8.87
C ALA A 795 35.41 3.82 9.67
N LEU A 796 35.71 3.02 10.69
CA LEU A 796 34.67 2.56 11.62
C LEU A 796 33.80 3.72 12.10
N VAL A 797 34.43 4.70 12.75
CA VAL A 797 33.68 5.77 13.41
C VAL A 797 32.86 6.55 12.38
N PHE A 798 33.49 6.91 11.26
CA PHE A 798 32.80 7.79 10.31
C PHE A 798 31.76 7.05 9.49
N ASN A 799 31.94 5.76 9.22
CA ASN A 799 30.88 4.99 8.59
C ASN A 799 29.66 4.93 9.50
N THR A 800 29.87 4.66 10.79
CA THR A 800 28.75 4.68 11.74
C THR A 800 28.05 6.03 11.73
N LEU A 801 28.84 7.10 11.82
CA LEU A 801 28.27 8.46 11.85
C LEU A 801 27.45 8.75 10.60
N GLN A 802 28.05 8.53 9.43
CA GLN A 802 27.38 8.88 8.17
C GLN A 802 26.11 8.08 7.98
N HIS A 803 26.14 6.77 8.27
CA HIS A 803 24.94 5.98 8.04
C HIS A 803 23.83 6.35 9.02
N SER A 804 24.18 6.54 10.30
CA SER A 804 23.15 6.91 11.27
C SER A 804 22.49 8.24 10.90
N PHE A 805 23.31 9.24 10.53
CA PHE A 805 22.72 10.54 10.27
C PHE A 805 21.98 10.59 8.94
N TRP A 806 22.48 9.91 7.91
CA TRP A 806 21.73 9.86 6.66
C TRP A 806 20.41 9.11 6.83
N ASP A 807 20.38 8.10 7.71
CA ASP A 807 19.13 7.39 7.94
C ASP A 807 18.14 8.24 8.73
N ILE A 808 18.60 9.03 9.70
CA ILE A 808 17.66 9.91 10.39
C ILE A 808 17.14 10.98 9.44
N VAL A 809 17.98 11.46 8.53
CA VAL A 809 17.53 12.42 7.53
C VAL A 809 16.47 11.78 6.63
N GLY A 810 16.71 10.54 6.21
CA GLY A 810 15.72 9.86 5.37
C GLY A 810 14.41 9.62 6.10
N GLU A 811 14.48 9.27 7.37
CA GLU A 811 13.25 9.07 8.16
C GLU A 811 12.46 10.37 8.26
N ASN A 812 13.14 11.48 8.57
CA ASN A 812 12.45 12.77 8.64
C ASN A 812 11.86 13.15 7.28
N LEU A 813 12.62 12.92 6.21
CA LEU A 813 12.14 13.14 4.86
C LEU A 813 10.83 12.40 4.59
N THR A 814 10.83 11.09 4.86
CA THR A 814 9.67 10.28 4.56
C THR A 814 8.47 10.67 5.42
N LYS A 815 8.69 10.96 6.70
CA LYS A 815 7.59 11.33 7.57
C LYS A 815 6.96 12.65 7.14
N ARG A 816 7.79 13.65 6.83
CA ARG A 816 7.25 14.92 6.38
C ARG A 816 6.53 14.78 5.05
N VAL A 817 7.07 13.96 4.13
CA VAL A 817 6.41 13.74 2.86
C VAL A 817 5.05 13.09 3.07
N ARG A 818 4.97 12.09 3.95
CA ARG A 818 3.71 11.42 4.21
C ARG A 818 2.68 12.40 4.78
N GLU A 819 3.10 13.23 5.75
CA GLU A 819 2.16 14.20 6.32
C GLU A 819 1.69 15.20 5.27
N LYS A 820 2.61 15.69 4.42
CA LYS A 820 2.22 16.64 3.40
C LYS A 820 1.26 16.03 2.39
N MET A 821 1.51 14.79 1.97
CA MET A 821 0.61 14.14 1.03
C MET A 821 -0.76 13.91 1.65
N LEU A 822 -0.82 13.48 2.91
CA LEU A 822 -2.13 13.27 3.53
C LEU A 822 -2.89 14.58 3.69
N SER A 823 -2.19 15.66 4.05
CA SER A 823 -2.85 16.96 4.15
C SER A 823 -3.37 17.42 2.78
N ALA A 824 -2.57 17.22 1.73
CA ALA A 824 -3.02 17.58 0.39
C ALA A 824 -4.24 16.77 -0.02
N VAL A 825 -4.25 15.47 0.29
CA VAL A 825 -5.39 14.63 -0.05
C VAL A 825 -6.64 15.09 0.69
N LEU A 826 -6.50 15.37 2.00
CA LEU A 826 -7.65 15.75 2.80
C LEU A 826 -8.11 17.19 2.53
N LYS A 827 -7.29 18.00 1.86
CA LYS A 827 -7.70 19.36 1.54
C LYS A 827 -8.56 19.45 0.29
N ASN A 828 -8.64 18.40 -0.51
CA ASN A 828 -9.34 18.46 -1.79
C ASN A 828 -10.85 18.41 -1.60
N GLU A 829 -11.57 18.51 -2.72
CA GLU A 829 -13.02 18.60 -2.73
C GLU A 829 -13.64 17.28 -3.18
N MET A 830 -14.98 17.24 -3.17
CA MET A 830 -15.70 16.02 -3.54
C MET A 830 -15.49 15.65 -5.00
N ALA A 831 -15.43 16.64 -5.89
CA ALA A 831 -15.21 16.34 -7.29
C ALA A 831 -13.91 15.55 -7.50
N TRP A 832 -12.92 15.77 -6.64
CA TRP A 832 -11.69 14.99 -6.71
C TRP A 832 -11.91 13.56 -6.22
N PHE A 833 -12.66 13.40 -5.12
CA PHE A 833 -12.86 12.07 -4.56
C PHE A 833 -13.83 11.24 -5.38
N ASP A 834 -14.64 11.86 -6.23
CA ASP A 834 -15.54 11.13 -7.12
C ASP A 834 -14.89 10.83 -8.46
N GLN A 835 -13.71 10.22 -8.41
CA GLN A 835 -12.97 9.84 -9.60
C GLN A 835 -12.40 8.45 -9.41
N GLU A 836 -12.19 7.74 -10.53
CA GLU A 836 -11.69 6.38 -10.45
C GLU A 836 -10.28 6.33 -9.90
N GLU A 837 -9.43 7.30 -10.27
CA GLU A 837 -8.07 7.31 -9.78
C GLU A 837 -8.02 7.63 -8.28
N ASN A 838 -8.86 8.54 -7.82
CA ASN A 838 -8.83 9.00 -6.43
C ASN A 838 -9.85 8.22 -5.60
N GLU A 839 -9.61 6.91 -5.52
CA GLU A 839 -10.39 6.04 -4.66
C GLU A 839 -9.54 5.56 -3.49
N SER A 840 -10.23 5.11 -2.44
CA SER A 840 -9.60 4.92 -1.14
C SER A 840 -8.41 3.96 -1.21
N ALA A 841 -8.63 2.77 -1.76
CA ALA A 841 -7.54 1.81 -1.85
C ALA A 841 -6.43 2.33 -2.76
N ARG A 842 -6.79 2.94 -3.88
CA ARG A 842 -5.79 3.49 -4.78
C ARG A 842 -5.03 4.65 -4.14
N ILE A 843 -5.72 5.51 -3.40
CA ILE A 843 -5.06 6.63 -2.74
C ILE A 843 -4.09 6.13 -1.69
N ALA A 844 -4.52 5.17 -0.88
CA ALA A 844 -3.65 4.62 0.15
C ALA A 844 -2.44 3.92 -0.46
N ALA A 845 -2.66 3.14 -1.52
CA ALA A 845 -1.55 2.47 -2.19
C ALA A 845 -0.58 3.48 -2.79
N ARG A 846 -1.11 4.56 -3.39
CA ARG A 846 -0.25 5.59 -3.96
C ARG A 846 0.61 6.23 -2.88
N LEU A 847 0.01 6.61 -1.75
CA LEU A 847 0.77 7.21 -0.67
C LEU A 847 1.85 6.27 -0.16
N ALA A 848 1.47 5.02 0.13
CA ALA A 848 2.42 4.07 0.70
C ALA A 848 3.57 3.78 -0.27
N LEU A 849 3.25 3.56 -1.54
CA LEU A 849 4.30 3.27 -2.53
C LEU A 849 5.21 4.46 -2.73
N ASP A 850 4.65 5.67 -2.80
CA ASP A 850 5.47 6.86 -2.96
C ASP A 850 6.42 7.04 -1.79
N ALA A 851 5.91 6.87 -0.57
CA ALA A 851 6.76 7.02 0.61
C ALA A 851 7.83 5.94 0.65
N ASN A 852 7.47 4.69 0.36
CA ASN A 852 8.44 3.61 0.38
C ASN A 852 9.53 3.83 -0.66
N ASN A 853 9.16 4.37 -1.82
CA ASN A 853 10.14 4.58 -2.88
C ASN A 853 11.05 5.77 -2.56
N VAL A 854 10.51 6.86 -2.04
CA VAL A 854 11.36 7.98 -1.66
C VAL A 854 12.20 7.67 -0.44
N ARG A 855 11.85 6.65 0.33
CA ARG A 855 12.68 6.22 1.45
C ARG A 855 13.78 5.27 1.02
N SER A 856 13.40 4.12 0.44
CA SER A 856 14.38 3.09 0.13
C SER A 856 15.25 3.48 -1.07
N ALA A 857 14.63 3.99 -2.13
CA ALA A 857 15.36 4.24 -3.36
C ALA A 857 16.11 5.57 -3.37
N ILE A 858 15.82 6.47 -2.43
CA ILE A 858 16.43 7.80 -2.39
C ILE A 858 17.14 8.03 -1.06
N GLY A 859 16.42 7.87 0.05
CA GLY A 859 17.02 8.11 1.36
C GLY A 859 18.15 7.14 1.68
N ASP A 860 18.05 5.91 1.22
CA ASP A 860 19.06 4.89 1.47
C ASP A 860 20.19 4.89 0.44
N ARG A 861 20.13 5.77 -0.56
CA ARG A 861 21.15 5.81 -1.60
C ARG A 861 21.92 7.12 -1.63
N ILE A 862 21.46 8.16 -0.94
CA ILE A 862 22.16 9.44 -0.94
C ILE A 862 23.55 9.28 -0.32
N SER A 863 23.65 8.50 0.75
CA SER A 863 24.92 8.31 1.44
C SER A 863 25.96 7.68 0.50
N VAL A 864 25.59 6.58 -0.16
CA VAL A 864 26.55 5.92 -1.05
C VAL A 864 26.85 6.79 -2.26
N ILE A 865 25.86 7.54 -2.76
CA ILE A 865 26.09 8.42 -3.90
C ILE A 865 27.14 9.47 -3.55
N VAL A 866 26.95 10.16 -2.41
CA VAL A 866 27.87 11.22 -2.05
C VAL A 866 29.24 10.65 -1.67
N GLN A 867 29.27 9.47 -1.05
CA GLN A 867 30.55 8.86 -0.69
C GLN A 867 31.37 8.53 -1.94
N ASN A 868 30.73 7.90 -2.93
CA ASN A 868 31.48 7.56 -4.16
C ASN A 868 31.84 8.81 -4.95
N THR A 869 30.96 9.82 -4.95
CA THR A 869 31.30 11.07 -5.62
C THR A 869 32.53 11.70 -4.97
N ALA A 870 32.56 11.74 -3.64
CA ALA A 870 33.71 12.29 -2.94
C ALA A 870 34.96 11.49 -3.21
N LEU A 871 34.85 10.16 -3.27
CA LEU A 871 36.00 9.32 -3.60
C LEU A 871 36.55 9.65 -4.98
N MET A 872 35.68 9.79 -5.97
CA MET A 872 36.13 10.11 -7.32
C MET A 872 36.75 11.51 -7.39
N LEU A 873 36.14 12.49 -6.72
CA LEU A 873 36.71 13.84 -6.72
C LEU A 873 38.06 13.88 -6.02
N VAL A 874 38.23 13.16 -4.91
CA VAL A 874 39.54 13.18 -4.26
C VAL A 874 40.57 12.41 -5.08
N ALA A 875 40.14 11.40 -5.84
CA ALA A 875 41.06 10.76 -6.77
C ALA A 875 41.53 11.74 -7.83
N CYS A 876 40.62 12.53 -8.40
CA CYS A 876 41.00 13.53 -9.39
C CYS A 876 41.88 14.61 -8.77
N THR A 877 41.58 15.02 -7.54
CA THR A 877 42.39 16.02 -6.86
C THR A 877 43.81 15.51 -6.60
N ALA A 878 43.93 14.24 -6.21
CA ALA A 878 45.26 13.65 -6.04
C ALA A 878 45.97 13.53 -7.38
N GLY A 879 45.22 13.29 -8.46
CA GLY A 879 45.83 13.29 -9.77
C GLY A 879 46.41 14.65 -10.15
N PHE A 880 45.68 15.71 -9.85
CA PHE A 880 46.19 17.06 -10.10
C PHE A 880 47.37 17.41 -9.19
N VAL A 881 47.30 17.02 -7.92
CA VAL A 881 48.34 17.38 -6.97
C VAL A 881 49.64 16.64 -7.29
N LEU A 882 49.54 15.34 -7.54
CA LEU A 882 50.71 14.51 -7.79
C LEU A 882 51.23 14.63 -9.21
N GLN A 883 50.57 15.43 -10.05
CA GLN A 883 51.00 15.69 -11.42
C GLN A 883 51.02 14.39 -12.25
N TRP A 884 49.85 13.78 -12.36
CA TRP A 884 49.73 12.63 -13.24
C TRP A 884 49.60 13.10 -14.69
N ARG A 885 49.76 12.17 -15.61
CA ARG A 885 49.60 12.52 -17.02
C ARG A 885 48.15 12.84 -17.33
N LEU A 886 47.95 13.55 -18.45
CA LEU A 886 46.60 13.93 -18.84
C LEU A 886 45.74 12.71 -19.15
N ALA A 887 46.34 11.67 -19.72
CA ALA A 887 45.59 10.44 -19.99
C ALA A 887 45.11 9.80 -18.70
N LEU A 888 45.97 9.79 -17.67
CA LEU A 888 45.60 9.17 -16.40
C LEU A 888 44.43 9.90 -15.73
N VAL A 889 44.50 11.23 -15.69
CA VAL A 889 43.40 11.98 -15.09
C VAL A 889 42.15 11.90 -15.95
N LEU A 890 42.31 11.75 -17.27
CA LEU A 890 41.15 11.54 -18.14
C LEU A 890 40.46 10.21 -17.80
N VAL A 891 41.25 9.15 -17.62
CA VAL A 891 40.69 7.85 -17.25
C VAL A 891 40.05 7.93 -15.86
N ALA A 892 40.60 8.76 -14.98
CA ALA A 892 40.00 8.93 -13.65
C ALA A 892 38.69 9.70 -13.74
N VAL A 893 38.59 10.66 -14.66
CA VAL A 893 37.41 11.50 -14.74
C VAL A 893 36.27 10.78 -15.45
N PHE A 894 36.59 9.93 -16.43
CA PHE A 894 35.61 9.23 -17.25
C PHE A 894 34.52 8.52 -16.45
N PRO A 895 34.86 7.78 -15.38
CA PRO A 895 33.78 7.13 -14.60
C PRO A 895 32.77 8.11 -14.02
N VAL A 896 33.20 9.30 -13.61
CA VAL A 896 32.28 10.29 -13.06
C VAL A 896 31.25 10.67 -14.12
N VAL A 897 31.72 10.96 -15.34
CA VAL A 897 30.82 11.36 -16.42
C VAL A 897 29.88 10.21 -16.77
N VAL A 898 30.42 9.00 -16.87
CA VAL A 898 29.59 7.85 -17.23
C VAL A 898 28.49 7.64 -16.19
N ALA A 899 28.87 7.65 -14.90
CA ALA A 899 27.89 7.43 -13.85
C ALA A 899 26.84 8.53 -13.83
N ALA A 900 27.27 9.79 -13.98
CA ALA A 900 26.33 10.90 -13.98
C ALA A 900 25.33 10.77 -15.13
N THR A 901 25.83 10.50 -16.33
CA THR A 901 24.96 10.38 -17.50
C THR A 901 23.97 9.22 -17.33
N VAL A 902 24.48 8.05 -16.93
CA VAL A 902 23.60 6.88 -16.81
C VAL A 902 22.54 7.13 -15.76
N LEU A 903 22.94 7.65 -14.59
CA LEU A 903 21.99 7.87 -13.51
C LEU A 903 20.95 8.92 -13.88
N GLN A 904 21.38 10.00 -14.55
CA GLN A 904 20.42 11.01 -14.99
C GLN A 904 19.44 10.44 -16.01
N LYS A 905 19.94 9.60 -16.92
CA LYS A 905 19.05 8.98 -17.90
C LYS A 905 18.02 8.08 -17.22
N MET A 906 18.45 7.26 -16.26
CA MET A 906 17.50 6.42 -15.56
C MET A 906 16.49 7.24 -14.76
N PHE A 907 16.96 8.30 -14.10
CA PHE A 907 16.05 9.13 -13.31
C PHE A 907 15.02 9.81 -14.21
N MET A 908 15.46 10.31 -15.37
CA MET A 908 14.52 10.96 -16.28
C MET A 908 13.55 9.96 -16.89
N THR A 909 14.02 8.74 -17.14
CA THR A 909 13.11 7.69 -17.60
C THR A 909 12.04 7.41 -16.55
N GLY A 910 12.45 7.34 -15.28
CA GLY A 910 11.48 7.20 -14.21
C GLY A 910 10.59 8.41 -14.05
N PHE A 911 11.16 9.60 -14.20
CA PHE A 911 10.41 10.85 -14.03
C PHE A 911 9.50 11.19 -15.20
N SER A 912 9.35 10.29 -16.18
CA SER A 912 8.53 10.54 -17.36
C SER A 912 7.80 9.26 -17.74
N GLY A 913 6.51 9.19 -17.40
CA GLY A 913 5.67 8.09 -17.82
C GLY A 913 5.57 6.99 -16.78
N ASP A 914 4.41 6.32 -16.77
CA ASP A 914 4.17 5.21 -15.87
C ASP A 914 2.96 4.41 -16.35
N LEU A 915 2.81 3.21 -15.78
CA LEU A 915 1.61 2.43 -15.95
C LEU A 915 1.18 1.78 -14.64
N GLU A 916 1.48 2.42 -13.50
CA GLU A 916 1.12 1.87 -12.19
C GLU A 916 -0.40 1.83 -12.00
N ALA A 917 -1.15 2.62 -12.76
CA ALA A 917 -2.61 2.60 -12.65
C ALA A 917 -3.17 1.22 -12.97
N ALA A 918 -2.46 0.45 -13.79
CA ALA A 918 -2.88 -0.93 -14.06
C ALA A 918 -2.80 -1.78 -12.80
N HIS A 919 -1.74 -1.60 -12.02
CA HIS A 919 -1.65 -2.29 -10.73
C HIS A 919 -2.56 -1.64 -9.69
N ALA A 920 -2.73 -0.31 -9.78
CA ALA A 920 -3.63 0.38 -8.86
C ALA A 920 -5.05 -0.14 -8.99
N LYS A 921 -5.47 -0.47 -10.21
CA LYS A 921 -6.78 -1.07 -10.42
C LYS A 921 -6.87 -2.43 -9.72
N GLY A 922 -5.80 -3.22 -9.80
CA GLY A 922 -5.80 -4.50 -9.10
C GLY A 922 -5.86 -4.33 -7.59
N THR A 923 -5.13 -3.35 -7.05
CA THR A 923 -5.17 -3.08 -5.63
C THR A 923 -6.57 -2.65 -5.19
N GLN A 924 -7.20 -1.78 -5.98
CA GLN A 924 -8.56 -1.35 -5.64
C GLN A 924 -9.55 -2.51 -5.74
N LEU A 925 -9.38 -3.39 -6.73
CA LEU A 925 -10.24 -4.55 -6.85
C LEU A 925 -10.10 -5.46 -5.64
N ALA A 926 -8.87 -5.69 -5.19
CA ALA A 926 -8.64 -6.48 -3.98
C ALA A 926 -9.27 -5.80 -2.77
N GLY A 927 -9.16 -4.48 -2.70
CA GLY A 927 -9.75 -3.76 -1.59
C GLY A 927 -11.26 -3.89 -1.53
N GLU A 928 -11.92 -3.76 -2.69
CA GLU A 928 -13.36 -3.96 -2.74
C GLU A 928 -13.74 -5.39 -2.42
N ALA A 929 -12.95 -6.36 -2.90
CA ALA A 929 -13.25 -7.76 -2.63
C ALA A 929 -13.17 -8.08 -1.14
N ILE A 930 -12.17 -7.52 -0.45
CA ILE A 930 -12.00 -7.80 0.96
C ILE A 930 -12.98 -6.99 1.80
N ALA A 931 -13.33 -5.79 1.34
CA ALA A 931 -14.31 -4.98 2.07
C ALA A 931 -15.72 -5.54 1.94
N ASN A 932 -15.95 -6.38 0.94
CA ASN A 932 -17.24 -7.00 0.68
C ASN A 932 -17.13 -8.52 0.60
N VAL A 933 -16.48 -9.13 1.60
CA VAL A 933 -16.24 -10.56 1.57
C VAL A 933 -17.55 -11.33 1.59
N ARG A 934 -18.54 -10.82 2.33
CA ARG A 934 -19.84 -11.48 2.36
C ARG A 934 -20.50 -11.48 0.99
N THR A 935 -20.43 -10.35 0.28
CA THR A 935 -21.04 -10.25 -1.04
C THR A 935 -20.34 -11.15 -2.05
N VAL A 936 -19.01 -11.14 -2.06
CA VAL A 936 -18.28 -11.97 -3.02
C VAL A 936 -18.45 -13.45 -2.70
N ALA A 937 -18.58 -13.79 -1.41
CA ALA A 937 -18.79 -15.17 -1.03
C ALA A 937 -20.17 -15.66 -1.42
N ALA A 938 -21.20 -14.83 -1.18
CA ALA A 938 -22.57 -15.25 -1.45
C ALA A 938 -22.81 -15.49 -2.93
N PHE A 939 -22.06 -14.82 -3.80
CA PHE A 939 -22.25 -14.94 -5.24
C PHE A 939 -21.14 -15.73 -5.92
N ASN A 940 -20.26 -16.38 -5.15
CA ASN A 940 -19.23 -17.27 -5.67
C ASN A 940 -18.37 -16.58 -6.71
N SER A 941 -18.01 -15.33 -6.43
CA SER A 941 -17.26 -14.51 -7.38
C SER A 941 -15.77 -14.42 -7.06
N GLU A 942 -15.26 -15.29 -6.20
CA GLU A 942 -13.84 -15.23 -5.85
C GLU A 942 -12.96 -15.49 -7.08
N ALA A 943 -13.30 -16.50 -7.87
CA ALA A 943 -12.52 -16.80 -9.06
C ALA A 943 -12.58 -15.65 -10.07
N LYS A 944 -13.75 -15.02 -10.20
CA LYS A 944 -13.88 -13.87 -11.09
C LYS A 944 -12.97 -12.73 -10.64
N ILE A 945 -12.92 -12.47 -9.33
CA ILE A 945 -12.07 -11.40 -8.81
C ILE A 945 -10.60 -11.74 -9.05
N VAL A 946 -10.23 -13.00 -8.87
CA VAL A 946 -8.84 -13.40 -9.10
C VAL A 946 -8.47 -13.24 -10.57
N ARG A 947 -9.39 -13.59 -11.47
CA ARG A 947 -9.12 -13.44 -12.90
C ARG A 947 -8.95 -11.97 -13.28
N LEU A 948 -9.83 -11.11 -12.76
CA LEU A 948 -9.70 -9.68 -13.03
C LEU A 948 -8.39 -9.13 -12.46
N TYR A 949 -8.01 -9.62 -11.28
CA TYR A 949 -6.76 -9.19 -10.66
C TYR A 949 -5.55 -9.57 -11.51
N THR A 950 -5.54 -10.80 -12.03
CA THR A 950 -4.44 -11.23 -12.89
C THR A 950 -4.39 -10.41 -14.17
N ALA A 951 -5.56 -10.16 -14.76
CA ALA A 951 -5.62 -9.35 -15.98
C ALA A 951 -5.09 -7.94 -15.74
N ASN A 952 -5.43 -7.37 -14.57
CA ASN A 952 -4.88 -6.06 -14.22
C ASN A 952 -3.39 -6.10 -13.99
N LEU A 953 -2.87 -7.18 -13.41
CA LEU A 953 -1.46 -7.25 -13.05
C LEU A 953 -0.55 -7.54 -14.24
N GLU A 954 -1.07 -8.08 -15.35
CA GLU A 954 -0.20 -8.36 -16.49
C GLU A 954 0.49 -7.12 -17.06
N PRO A 955 -0.19 -6.00 -17.32
CA PRO A 955 0.49 -4.83 -17.90
C PRO A 955 1.64 -4.31 -17.04
N PRO A 956 1.49 -4.25 -15.71
CA PRO A 956 2.68 -3.93 -14.90
C PRO A 956 3.80 -4.93 -15.07
N LEU A 957 3.48 -6.21 -15.27
CA LEU A 957 4.51 -7.20 -15.50
C LEU A 957 5.32 -6.87 -16.77
N LYS A 958 4.62 -6.53 -17.85
CA LYS A 958 5.35 -6.22 -19.09
C LYS A 958 6.11 -4.90 -19.00
N ARG A 959 5.53 -3.89 -18.33
CA ARG A 959 6.26 -2.63 -18.19
C ARG A 959 7.51 -2.81 -17.35
N CYS A 960 7.43 -3.63 -16.30
CA CYS A 960 8.61 -3.91 -15.49
C CYS A 960 9.63 -4.72 -16.28
N PHE A 961 9.16 -5.61 -17.16
CA PHE A 961 10.09 -6.29 -18.06
C PHE A 961 10.89 -5.30 -18.89
N TRP A 962 10.20 -4.31 -19.47
CA TRP A 962 10.90 -3.32 -20.29
C TRP A 962 11.85 -2.47 -19.45
N LYS A 963 11.43 -2.06 -18.26
CA LYS A 963 12.32 -1.29 -17.40
C LYS A 963 13.55 -2.09 -17.02
N GLY A 964 13.38 -3.38 -16.71
CA GLY A 964 14.53 -4.22 -16.43
C GLY A 964 15.45 -4.36 -17.61
N GLN A 965 14.88 -4.46 -18.81
CA GLN A 965 15.71 -4.53 -20.02
C GLN A 965 16.57 -3.29 -20.17
N ILE A 966 15.97 -2.11 -20.03
CA ILE A 966 16.74 -0.88 -20.22
C ILE A 966 17.77 -0.72 -19.11
N ALA A 967 17.42 -1.10 -17.87
CA ALA A 967 18.37 -1.00 -16.77
C ALA A 967 19.56 -1.92 -16.99
N GLY A 968 19.29 -3.16 -17.44
CA GLY A 968 20.37 -4.08 -17.72
C GLY A 968 21.27 -3.58 -18.84
N SER A 969 20.67 -3.02 -19.90
CA SER A 969 21.47 -2.50 -21.00
C SER A 969 22.36 -1.34 -20.52
N GLY A 970 21.80 -0.44 -19.71
CA GLY A 970 22.59 0.67 -19.22
C GLY A 970 23.72 0.22 -18.31
N TYR A 971 23.44 -0.70 -17.40
CA TYR A 971 24.49 -1.23 -16.53
C TYR A 971 25.57 -1.92 -17.34
N GLY A 972 25.18 -2.70 -18.35
CA GLY A 972 26.17 -3.39 -19.16
C GLY A 972 27.06 -2.44 -19.94
N VAL A 973 26.47 -1.41 -20.55
CA VAL A 973 27.28 -0.48 -21.33
C VAL A 973 28.19 0.32 -20.42
N ALA A 974 27.71 0.70 -19.23
CA ALA A 974 28.56 1.42 -18.29
C ALA A 974 29.73 0.56 -17.83
N GLN A 975 29.45 -0.72 -17.53
CA GLN A 975 30.53 -1.62 -17.12
C GLN A 975 31.54 -1.82 -18.24
N PHE A 976 31.06 -1.95 -19.48
CA PHE A 976 31.97 -2.09 -20.61
C PHE A 976 32.84 -0.86 -20.78
N CYS A 977 32.24 0.34 -20.63
CA CYS A 977 33.02 1.56 -20.75
C CYS A 977 34.10 1.65 -19.67
N LEU A 978 33.73 1.31 -18.44
CA LEU A 978 34.71 1.36 -17.35
C LEU A 978 35.84 0.37 -17.58
N TYR A 979 35.51 -0.87 -17.98
CA TYR A 979 36.55 -1.86 -18.22
C TYR A 979 37.45 -1.46 -19.39
N ALA A 980 36.85 -0.91 -20.45
CA ALA A 980 37.63 -0.47 -21.60
C ALA A 980 38.59 0.64 -21.22
N SER A 981 38.11 1.62 -20.46
CA SER A 981 38.99 2.71 -20.03
C SER A 981 40.13 2.17 -19.17
N TYR A 982 39.80 1.26 -18.24
CA TYR A 982 40.84 0.72 -17.35
C TYR A 982 41.87 -0.09 -18.14
N ALA A 983 41.43 -0.87 -19.13
CA ALA A 983 42.35 -1.70 -19.89
C ALA A 983 43.25 -0.87 -20.80
N LEU A 984 42.67 0.15 -21.45
CA LEU A 984 43.49 1.05 -22.25
C LEU A 984 44.49 1.80 -21.37
N GLY A 985 44.07 2.21 -20.17
CA GLY A 985 45.02 2.82 -19.26
C GLY A 985 46.14 1.87 -18.87
N LEU A 986 45.80 0.61 -18.59
CA LEU A 986 46.81 -0.38 -18.25
C LEU A 986 47.81 -0.54 -19.38
N TRP A 987 47.32 -0.65 -20.61
CA TRP A 987 48.21 -0.78 -21.76
C TRP A 987 49.12 0.43 -21.90
N TYR A 988 48.56 1.63 -21.77
CA TYR A 988 49.36 2.84 -21.91
C TYR A 988 50.41 2.94 -20.80
N ALA A 989 50.03 2.58 -19.56
CA ALA A 989 50.97 2.66 -18.45
C ALA A 989 52.11 1.66 -18.61
N SER A 990 51.77 0.43 -19.01
CA SER A 990 52.82 -0.56 -19.24
C SER A 990 53.73 -0.13 -20.38
N TRP A 991 53.16 0.45 -21.43
CA TRP A 991 53.97 0.94 -22.55
C TRP A 991 54.89 2.07 -22.11
N LEU A 992 54.40 2.96 -21.25
CA LEU A 992 55.24 4.01 -20.71
C LEU A 992 56.38 3.44 -19.87
N VAL A 993 56.08 2.46 -19.02
CA VAL A 993 57.09 1.89 -18.13
C VAL A 993 58.17 1.18 -18.94
N LYS A 994 57.75 0.37 -19.93
CA LYS A 994 58.73 -0.37 -20.72
C LYS A 994 59.65 0.57 -21.50
N HIS A 995 59.08 1.62 -22.11
CA HIS A 995 59.87 2.58 -22.85
C HIS A 995 60.69 3.51 -21.96
N GLY A 996 60.41 3.54 -20.66
CA GLY A 996 61.16 4.38 -19.76
C GLY A 996 60.80 5.85 -19.79
N ILE A 997 59.73 6.23 -20.50
CA ILE A 997 59.32 7.62 -20.54
C ILE A 997 58.81 8.06 -19.17
N SER A 998 58.14 7.15 -18.46
CA SER A 998 57.64 7.41 -17.12
C SER A 998 58.26 6.41 -16.15
N ASP A 999 58.02 6.63 -14.86
CA ASP A 999 58.58 5.78 -13.82
C ASP A 999 57.61 4.63 -13.53
N PHE A 1000 57.86 3.87 -12.47
CA PHE A 1000 57.07 2.68 -12.17
C PHE A 1000 56.21 2.85 -10.92
N SER A 1001 56.80 3.23 -9.79
CA SER A 1001 56.06 3.33 -8.54
C SER A 1001 54.94 4.36 -8.63
N LYS A 1002 55.23 5.50 -9.28
CA LYS A 1002 54.20 6.52 -9.43
C LYS A 1002 53.02 5.98 -10.20
N THR A 1003 53.28 5.25 -11.28
CA THR A 1003 52.18 4.66 -12.06
C THR A 1003 51.43 3.62 -11.23
N ILE A 1004 52.14 2.88 -10.38
CA ILE A 1004 51.47 1.88 -9.55
C ILE A 1004 50.49 2.53 -8.58
N ARG A 1005 50.92 3.60 -7.90
CA ARG A 1005 49.99 4.34 -7.05
C ARG A 1005 48.84 4.93 -7.87
N VAL A 1006 49.17 5.48 -9.04
CA VAL A 1006 48.14 6.05 -9.92
C VAL A 1006 47.06 5.02 -10.19
N PHE A 1007 47.47 3.80 -10.52
CA PHE A 1007 46.50 2.83 -11.00
C PHE A 1007 45.79 2.10 -9.86
N MET A 1008 46.43 2.00 -8.69
CA MET A 1008 45.68 1.52 -7.53
C MET A 1008 44.56 2.49 -7.16
N VAL A 1009 44.87 3.78 -7.15
CA VAL A 1009 43.83 4.78 -6.89
C VAL A 1009 42.77 4.75 -7.99
N LEU A 1010 43.20 4.57 -9.24
CA LEU A 1010 42.27 4.49 -10.37
C LEU A 1010 41.34 3.29 -10.21
N MET A 1011 41.87 2.14 -9.80
CA MET A 1011 41.03 0.96 -9.60
C MET A 1011 40.01 1.20 -8.50
N VAL A 1012 40.44 1.81 -7.40
CA VAL A 1012 39.50 2.09 -6.31
C VAL A 1012 38.39 3.02 -6.79
N SER A 1013 38.77 4.06 -7.56
CA SER A 1013 37.76 4.99 -8.08
C SER A 1013 36.80 4.30 -9.03
N ALA A 1014 37.32 3.40 -9.88
CA ALA A 1014 36.46 2.68 -10.82
C ALA A 1014 35.50 1.76 -10.09
N ASN A 1015 35.97 1.10 -9.02
CA ASN A 1015 35.07 0.27 -8.22
C ASN A 1015 33.98 1.11 -7.57
N GLY A 1016 34.33 2.29 -7.04
CA GLY A 1016 33.32 3.18 -6.52
C GLY A 1016 32.32 3.62 -7.57
N ALA A 1017 32.80 3.88 -8.79
CA ALA A 1017 31.90 4.26 -9.87
C ALA A 1017 30.95 3.13 -10.22
N ALA A 1018 31.45 1.88 -10.22
CA ALA A 1018 30.57 0.74 -10.47
C ALA A 1018 29.52 0.62 -9.38
N GLU A 1019 29.92 0.82 -8.11
CA GLU A 1019 28.96 0.82 -7.02
C GLU A 1019 27.88 1.88 -7.24
N THR A 1020 28.29 3.06 -7.72
CA THR A 1020 27.31 4.10 -8.04
C THR A 1020 26.38 3.66 -9.17
N LEU A 1021 26.94 3.04 -10.21
CA LEU A 1021 26.13 2.62 -11.35
C LEU A 1021 25.12 1.56 -10.97
N THR A 1022 25.40 0.81 -9.91
CA THR A 1022 24.50 -0.24 -9.45
C THR A 1022 23.11 0.30 -9.06
N LEU A 1023 22.94 1.62 -8.93
CA LEU A 1023 21.74 2.20 -8.36
C LEU A 1023 20.72 2.63 -9.41
N ALA A 1024 20.77 2.09 -10.63
CA ALA A 1024 19.88 2.56 -11.69
C ALA A 1024 18.40 2.30 -11.40
N PRO A 1025 17.95 1.07 -11.09
CA PRO A 1025 16.52 0.88 -10.84
C PRO A 1025 15.99 1.69 -9.67
N ASP A 1026 16.81 1.88 -8.65
CA ASP A 1026 16.41 2.73 -7.53
C ASP A 1026 16.16 4.16 -8.00
N PHE A 1027 17.00 4.67 -8.89
CA PHE A 1027 16.78 6.01 -9.42
C PHE A 1027 15.53 6.08 -10.29
N ILE A 1028 15.25 5.02 -11.05
CA ILE A 1028 14.04 5.00 -11.87
C ILE A 1028 12.80 5.08 -10.98
N LYS A 1029 12.74 4.22 -9.95
CA LYS A 1029 11.56 4.25 -9.08
C LYS A 1029 11.52 5.51 -8.22
N GLY A 1030 12.68 6.10 -7.91
CA GLY A 1030 12.69 7.37 -7.22
C GLY A 1030 12.13 8.49 -8.07
N GLY A 1031 12.43 8.48 -9.36
CA GLY A 1031 11.81 9.44 -10.26
C GLY A 1031 10.30 9.24 -10.35
N GLN A 1032 9.87 7.98 -10.43
CA GLN A 1032 8.44 7.68 -10.39
C GLN A 1032 7.78 8.28 -9.14
N ALA A 1033 8.37 8.00 -7.97
CA ALA A 1033 7.79 8.47 -6.72
C ALA A 1033 7.80 9.99 -6.64
N MET A 1034 8.89 10.62 -7.07
CA MET A 1034 8.97 12.07 -7.01
C MET A 1034 7.91 12.71 -7.88
N ARG A 1035 7.74 12.20 -9.10
CA ARG A 1035 6.70 12.74 -9.97
C ARG A 1035 5.32 12.56 -9.35
N SER A 1036 5.06 11.38 -8.77
CA SER A 1036 3.75 11.14 -8.17
C SER A 1036 3.48 12.08 -7.00
N VAL A 1037 4.45 12.22 -6.10
CA VAL A 1037 4.24 13.05 -4.91
C VAL A 1037 4.08 14.52 -5.31
N PHE A 1038 4.85 14.98 -6.29
CA PHE A 1038 4.75 16.39 -6.62
C PHE A 1038 3.51 16.69 -7.47
N GLU A 1039 3.04 15.71 -8.24
CA GLU A 1039 1.74 15.87 -8.89
C GLU A 1039 0.62 15.93 -7.87
N LEU A 1040 0.70 15.11 -6.81
CA LEU A 1040 -0.30 15.19 -5.75
C LEU A 1040 -0.25 16.53 -5.03
N LEU A 1041 0.95 17.02 -4.74
CA LEU A 1041 1.07 18.25 -3.95
C LEU A 1041 0.70 19.48 -4.76
N ASP A 1042 1.07 19.52 -6.04
CA ASP A 1042 0.82 20.70 -6.85
C ASP A 1042 -0.66 20.97 -7.06
N ARG A 1043 -1.48 19.92 -7.04
CA ARG A 1043 -2.91 20.08 -7.28
C ARG A 1043 -3.54 20.96 -6.21
N LYS A 1044 -4.36 21.92 -6.64
CA LYS A 1044 -5.05 22.84 -5.74
C LYS A 1044 -6.53 22.54 -5.76
N THR A 1045 -7.16 22.60 -4.59
CA THR A 1045 -8.57 22.28 -4.47
C THR A 1045 -9.44 23.37 -5.08
N GLU A 1046 -10.67 22.98 -5.45
CA GLU A 1046 -11.63 23.96 -5.96
C GLU A 1046 -12.41 24.61 -4.83
N ILE A 1047 -12.70 23.85 -3.77
CA ILE A 1047 -13.37 24.36 -2.58
C ILE A 1047 -12.35 24.32 -1.44
N GLU A 1048 -11.87 25.49 -1.04
CA GLU A 1048 -10.86 25.54 0.02
C GLU A 1048 -11.50 25.26 1.37
N PRO A 1049 -10.99 24.28 2.13
CA PRO A 1049 -11.62 23.96 3.41
C PRO A 1049 -11.64 25.10 4.41
N ASP A 1050 -10.67 26.02 4.35
CA ASP A 1050 -10.61 27.12 5.31
C ASP A 1050 -9.96 28.32 4.65
N ASP A 1051 -10.77 29.27 4.20
CA ASP A 1051 -10.26 30.56 3.74
C ASP A 1051 -9.99 31.46 4.93
N PRO A 1052 -8.75 31.92 5.15
CA PRO A 1052 -8.48 32.78 6.31
C PRO A 1052 -9.24 34.09 6.28
N ASP A 1053 -9.50 34.65 5.09
CA ASP A 1053 -10.18 35.94 4.97
C ASP A 1053 -11.64 35.69 4.64
N THR A 1054 -12.46 35.55 5.68
CA THR A 1054 -13.88 35.30 5.55
C THR A 1054 -14.65 36.09 6.59
N THR A 1055 -15.97 36.09 6.44
CA THR A 1055 -16.83 36.70 7.45
C THR A 1055 -16.90 35.78 8.66
N PRO A 1056 -16.65 36.28 9.87
CA PRO A 1056 -16.67 35.41 11.05
C PRO A 1056 -18.03 34.77 11.26
N VAL A 1057 -18.01 33.51 11.69
CA VAL A 1057 -19.23 32.76 11.98
C VAL A 1057 -19.70 33.14 13.39
N PRO A 1058 -20.92 33.62 13.57
CA PRO A 1058 -21.40 33.96 14.90
C PRO A 1058 -21.41 32.74 15.82
N ASP A 1059 -21.13 32.98 17.10
CA ASP A 1059 -21.13 31.90 18.08
C ASP A 1059 -22.52 31.29 18.23
N ARG A 1060 -23.55 32.13 18.26
CA ARG A 1060 -24.94 31.67 18.34
C ARG A 1060 -25.58 31.81 16.96
N LEU A 1061 -25.40 30.77 16.14
CA LEU A 1061 -25.97 30.77 14.81
C LEU A 1061 -27.48 30.63 14.87
N ARG A 1062 -28.19 31.48 14.13
CA ARG A 1062 -29.64 31.43 14.15
C ARG A 1062 -30.18 30.18 13.46
N GLY A 1063 -29.66 29.88 12.27
CA GLY A 1063 -30.07 28.68 11.55
C GLY A 1063 -31.01 28.96 10.39
N GLU A 1064 -30.77 30.02 9.64
CA GLU A 1064 -31.61 30.36 8.49
C GLU A 1064 -30.93 29.86 7.21
N VAL A 1065 -31.07 28.56 6.98
CA VAL A 1065 -30.49 27.92 5.81
C VAL A 1065 -31.50 27.98 4.66
N GLU A 1066 -31.04 28.42 3.49
CA GLU A 1066 -31.93 28.59 2.35
C GLU A 1066 -31.17 28.25 1.06
N LEU A 1067 -31.93 27.95 0.02
CA LEU A 1067 -31.39 27.73 -1.32
C LEU A 1067 -32.19 28.57 -2.29
N LYS A 1068 -31.52 29.34 -3.14
CA LYS A 1068 -32.17 30.26 -4.06
C LYS A 1068 -31.64 30.01 -5.46
N HIS A 1069 -32.55 29.67 -6.38
CA HIS A 1069 -32.26 29.49 -7.80
C HIS A 1069 -31.07 28.56 -8.01
N ILE A 1070 -31.09 27.44 -7.31
CA ILE A 1070 -29.98 26.50 -7.34
C ILE A 1070 -30.05 25.67 -8.62
N ASP A 1071 -29.01 25.78 -9.44
CA ASP A 1071 -28.83 24.94 -10.62
C ASP A 1071 -27.61 24.08 -10.38
N PHE A 1072 -27.80 22.78 -10.21
CA PHE A 1072 -26.73 21.88 -9.81
C PHE A 1072 -26.63 20.70 -10.76
N SER A 1073 -25.39 20.35 -11.12
CA SER A 1073 -25.11 19.16 -11.91
C SER A 1073 -23.83 18.53 -11.37
N TYR A 1074 -23.88 17.24 -11.08
CA TYR A 1074 -22.73 16.58 -10.47
C TYR A 1074 -21.54 16.57 -11.43
N PRO A 1075 -20.32 16.75 -10.92
CA PRO A 1075 -19.14 16.70 -11.79
C PRO A 1075 -19.07 15.42 -12.60
N SER A 1076 -19.14 14.27 -11.92
CA SER A 1076 -19.34 13.01 -12.60
C SER A 1076 -20.76 12.96 -13.15
N ARG A 1077 -20.89 12.50 -14.39
CA ARG A 1077 -22.16 12.52 -15.11
C ARG A 1077 -22.73 13.94 -15.15
N PRO A 1078 -22.06 14.88 -15.80
CA PRO A 1078 -22.52 16.28 -15.77
C PRO A 1078 -23.65 16.58 -16.74
N ASP A 1079 -24.04 15.62 -17.59
CA ASP A 1079 -25.13 15.88 -18.53
C ASP A 1079 -26.46 16.03 -17.82
N ILE A 1080 -26.70 15.22 -16.78
CA ILE A 1080 -27.95 15.30 -16.02
C ILE A 1080 -27.95 16.58 -15.18
N GLN A 1081 -29.05 17.31 -15.25
CA GLN A 1081 -29.24 18.52 -14.45
C GLN A 1081 -30.12 18.16 -13.27
N ILE A 1082 -29.50 17.95 -12.11
CA ILE A 1082 -30.24 17.50 -10.92
C ILE A 1082 -31.23 18.57 -10.48
N PHE A 1083 -30.77 19.83 -10.42
CA PHE A 1083 -31.60 20.94 -9.96
C PHE A 1083 -31.70 21.98 -11.07
N ARG A 1084 -32.92 22.42 -11.37
CA ARG A 1084 -33.18 23.49 -12.33
C ARG A 1084 -33.98 24.57 -11.62
N ASP A 1085 -33.29 25.60 -11.15
CA ASP A 1085 -33.92 26.73 -10.46
C ASP A 1085 -34.70 26.25 -9.23
N LEU A 1086 -33.96 25.67 -8.28
CA LEU A 1086 -34.53 25.16 -7.05
C LEU A 1086 -34.46 26.25 -5.98
N SER A 1087 -35.60 26.55 -5.36
CA SER A 1087 -35.72 27.57 -4.33
C SER A 1087 -36.35 26.94 -3.10
N LEU A 1088 -35.50 26.47 -2.18
CA LEU A 1088 -35.95 25.83 -0.96
C LEU A 1088 -35.58 26.70 0.23
N ARG A 1089 -36.54 26.90 1.14
CA ARG A 1089 -36.37 27.80 2.27
C ARG A 1089 -36.69 27.07 3.56
N ALA A 1090 -35.85 27.29 4.57
CA ALA A 1090 -36.06 26.74 5.91
C ALA A 1090 -36.14 27.91 6.89
N ARG A 1091 -37.21 27.94 7.68
CA ARG A 1091 -37.38 29.00 8.65
C ARG A 1091 -36.38 28.85 9.79
N ALA A 1092 -36.18 29.93 10.53
CA ALA A 1092 -35.22 29.95 11.63
C ALA A 1092 -35.72 29.09 12.78
N GLY A 1093 -35.00 28.01 13.08
CA GLY A 1093 -35.31 27.17 14.21
C GLY A 1093 -36.47 26.22 14.01
N LYS A 1094 -37.03 26.15 12.80
CA LYS A 1094 -38.17 25.30 12.52
C LYS A 1094 -37.75 24.15 11.60
N THR A 1095 -38.31 22.97 11.85
CA THR A 1095 -37.99 21.81 11.05
C THR A 1095 -38.65 21.88 9.69
N LEU A 1096 -37.97 21.32 8.68
CA LEU A 1096 -38.46 21.29 7.31
C LEU A 1096 -38.25 19.89 6.74
N ALA A 1097 -39.29 19.36 6.11
CA ALA A 1097 -39.29 17.99 5.60
C ALA A 1097 -39.19 18.00 4.09
N LEU A 1098 -38.28 17.18 3.55
CA LEU A 1098 -38.11 17.01 2.11
C LEU A 1098 -38.67 15.67 1.70
N VAL A 1099 -39.55 15.67 0.69
CA VAL A 1099 -40.17 14.45 0.19
C VAL A 1099 -40.09 14.45 -1.32
N GLY A 1100 -40.27 13.26 -1.90
CA GLY A 1100 -40.27 13.10 -3.34
C GLY A 1100 -39.85 11.71 -3.76
N PRO A 1101 -39.60 11.54 -5.06
CA PRO A 1101 -39.15 10.23 -5.56
C PRO A 1101 -37.74 9.89 -5.11
N SER A 1102 -37.23 8.72 -5.53
CA SER A 1102 -35.92 8.29 -5.10
C SER A 1102 -34.81 9.17 -5.68
N GLY A 1103 -34.94 9.55 -6.94
CA GLY A 1103 -33.88 10.30 -7.60
C GLY A 1103 -34.12 11.79 -7.70
N CYS A 1104 -35.02 12.31 -6.87
CA CYS A 1104 -35.34 13.74 -6.94
C CYS A 1104 -34.20 14.61 -6.41
N GLY A 1105 -33.36 14.07 -5.53
CA GLY A 1105 -32.21 14.82 -5.05
C GLY A 1105 -32.31 15.29 -3.62
N LYS A 1106 -33.00 14.51 -2.77
CA LYS A 1106 -33.11 14.88 -1.36
C LYS A 1106 -31.75 14.88 -0.67
N SER A 1107 -30.94 13.86 -0.93
CA SER A 1107 -29.58 13.85 -0.37
C SER A 1107 -28.67 14.83 -1.08
N SER A 1108 -28.99 15.22 -2.32
CA SER A 1108 -28.21 16.23 -3.00
C SER A 1108 -28.35 17.59 -2.31
N VAL A 1109 -29.52 17.88 -1.74
CA VAL A 1109 -29.69 19.11 -0.97
C VAL A 1109 -28.75 19.09 0.24
N ILE A 1110 -28.69 17.95 0.94
CA ILE A 1110 -27.80 17.82 2.09
C ILE A 1110 -26.34 18.00 1.65
N SER A 1111 -25.97 17.42 0.51
CA SER A 1111 -24.62 17.58 0.01
C SER A 1111 -24.32 19.03 -0.36
N LEU A 1112 -25.34 19.77 -0.82
CA LEU A 1112 -25.15 21.16 -1.17
C LEU A 1112 -25.04 22.06 0.05
N ILE A 1113 -25.73 21.71 1.14
CA ILE A 1113 -25.67 22.54 2.35
C ILE A 1113 -24.25 22.60 2.89
N GLN A 1114 -23.52 21.49 2.81
CA GLN A 1114 -22.18 21.39 3.37
C GLN A 1114 -21.08 21.73 2.36
N ARG A 1115 -21.45 22.26 1.19
CA ARG A 1115 -20.50 22.63 0.14
C ARG A 1115 -19.65 21.44 -0.28
N PHE A 1116 -20.25 20.26 -0.33
CA PHE A 1116 -19.57 19.13 -0.96
C PHE A 1116 -19.34 19.40 -2.44
N TYR A 1117 -20.34 19.96 -3.10
CA TYR A 1117 -20.24 20.40 -4.49
C TYR A 1117 -20.82 21.80 -4.60
N GLU A 1118 -20.35 22.54 -5.60
CA GLU A 1118 -20.93 23.87 -5.68
C GLU A 1118 -22.00 23.93 -6.78
N PRO A 1119 -23.08 24.67 -6.56
CA PRO A 1119 -24.07 24.85 -7.62
C PRO A 1119 -23.50 25.63 -8.79
N SER A 1120 -24.00 25.34 -9.98
CA SER A 1120 -23.51 26.02 -11.18
C SER A 1120 -23.93 27.49 -11.19
N SER A 1121 -25.21 27.75 -10.96
CA SER A 1121 -25.73 29.11 -11.01
C SER A 1121 -26.73 29.34 -9.88
N GLY A 1122 -26.40 28.88 -8.67
CA GLY A 1122 -27.31 28.99 -7.55
C GLY A 1122 -26.65 29.68 -6.36
N ARG A 1123 -27.50 30.09 -5.42
CA ARG A 1123 -27.04 30.80 -4.23
C ARG A 1123 -27.57 30.10 -2.98
N VAL A 1124 -26.68 29.47 -2.24
CA VAL A 1124 -27.04 28.81 -0.98
C VAL A 1124 -26.67 29.73 0.17
N MET A 1125 -27.62 29.98 1.06
CA MET A 1125 -27.58 31.08 2.01
C MET A 1125 -27.64 30.54 3.42
N ILE A 1126 -26.83 31.09 4.32
CA ILE A 1126 -26.83 30.71 5.72
C ILE A 1126 -27.03 31.98 6.55
N ASP A 1127 -28.16 32.03 7.27
CA ASP A 1127 -28.49 33.16 8.14
C ASP A 1127 -28.46 34.48 7.38
N GLY A 1128 -28.91 34.45 6.13
CA GLY A 1128 -28.90 35.62 5.30
C GLY A 1128 -27.55 35.99 4.73
N LYS A 1129 -26.54 35.14 4.90
CA LYS A 1129 -25.21 35.37 4.36
C LYS A 1129 -24.77 34.14 3.58
N ASP A 1130 -24.13 34.37 2.44
CA ASP A 1130 -23.68 33.28 1.60
C ASP A 1130 -22.67 32.41 2.33
N ILE A 1131 -22.78 31.09 2.14
CA ILE A 1131 -21.83 30.18 2.78
C ILE A 1131 -20.46 30.24 2.10
N ARG A 1132 -20.40 30.79 0.89
CA ARG A 1132 -19.11 30.92 0.21
C ARG A 1132 -18.18 31.87 0.96
N LYS A 1133 -18.74 32.95 1.51
CA LYS A 1133 -17.95 33.93 2.24
C LYS A 1133 -17.80 33.58 3.72
N TYR A 1134 -18.38 32.47 4.17
CA TYR A 1134 -18.09 31.93 5.48
C TYR A 1134 -16.87 31.03 5.44
N ASN A 1135 -16.31 30.76 6.62
CA ASN A 1135 -15.24 29.79 6.75
C ASN A 1135 -15.85 28.40 6.80
N LEU A 1136 -15.47 27.54 5.84
CA LEU A 1136 -16.13 26.25 5.69
C LEU A 1136 -15.96 25.40 6.93
N LYS A 1137 -14.73 25.32 7.46
CA LYS A 1137 -14.49 24.54 8.67
C LYS A 1137 -15.23 25.14 9.86
N ALA A 1138 -15.29 26.46 9.95
CA ALA A 1138 -16.00 27.10 11.05
C ALA A 1138 -17.50 26.91 10.94
N ILE A 1139 -18.05 27.02 9.73
CA ILE A 1139 -19.50 26.89 9.56
C ILE A 1139 -19.93 25.44 9.70
N ARG A 1140 -19.04 24.50 9.39
CA ARG A 1140 -19.40 23.08 9.51
C ARG A 1140 -19.51 22.64 10.96
N LYS A 1141 -18.98 23.42 11.91
CA LYS A 1141 -19.09 23.08 13.31
C LYS A 1141 -20.47 23.37 13.88
N HIS A 1142 -21.32 24.08 13.13
CA HIS A 1142 -22.68 24.38 13.55
C HIS A 1142 -23.71 23.56 12.77
N ILE A 1143 -23.26 22.50 12.07
CA ILE A 1143 -24.13 21.67 11.27
C ILE A 1143 -23.88 20.22 11.65
N ALA A 1144 -24.95 19.50 11.99
CA ALA A 1144 -24.87 18.08 12.33
C ALA A 1144 -25.73 17.28 11.36
N ILE A 1145 -25.18 16.18 10.85
CA ILE A 1145 -25.86 15.37 9.86
C ILE A 1145 -25.85 13.91 10.30
N VAL A 1146 -26.71 13.13 9.65
CA VAL A 1146 -26.68 11.68 9.72
C VAL A 1146 -26.61 11.17 8.29
N PRO A 1147 -25.64 10.34 7.93
CA PRO A 1147 -25.55 9.86 6.54
C PRO A 1147 -26.73 8.97 6.18
N GLN A 1148 -27.00 8.89 4.88
CA GLN A 1148 -28.12 8.08 4.40
C GLN A 1148 -27.94 6.62 4.77
N GLU A 1149 -26.74 6.08 4.57
CA GLU A 1149 -26.39 4.74 5.03
C GLU A 1149 -25.28 4.87 6.06
N PRO A 1150 -25.61 4.89 7.35
CA PRO A 1150 -24.65 5.27 8.40
C PRO A 1150 -23.63 4.18 8.75
N CYS A 1151 -22.57 4.13 7.96
CA CYS A 1151 -21.44 3.28 8.29
C CYS A 1151 -20.60 3.92 9.39
N LEU A 1152 -19.93 3.07 10.16
CA LEU A 1152 -19.09 3.52 11.26
C LEU A 1152 -17.62 3.29 10.94
N PHE A 1153 -16.76 3.80 11.82
CA PHE A 1153 -15.32 3.62 11.67
C PHE A 1153 -14.88 2.32 12.33
N GLY A 1154 -13.62 1.96 12.11
CA GLY A 1154 -13.07 0.75 12.71
C GLY A 1154 -12.56 0.98 14.11
N THR A 1155 -13.43 1.47 15.00
CA THR A 1155 -13.06 1.80 16.37
C THR A 1155 -14.19 1.34 17.29
N THR A 1156 -14.11 1.77 18.55
CA THR A 1156 -15.11 1.43 19.54
C THR A 1156 -16.35 2.30 19.38
N ILE A 1157 -17.42 1.92 20.09
CA ILE A 1157 -18.62 2.76 20.12
C ILE A 1157 -18.31 4.11 20.74
N TYR A 1158 -17.49 4.12 21.79
CA TYR A 1158 -17.17 5.37 22.48
C TYR A 1158 -16.51 6.37 21.55
N GLU A 1159 -15.49 5.92 20.81
CA GLU A 1159 -14.79 6.83 19.91
C GLU A 1159 -15.68 7.22 18.72
N ASN A 1160 -16.51 6.30 18.25
CA ASN A 1160 -17.43 6.61 17.17
C ASN A 1160 -18.41 7.71 17.58
N ILE A 1161 -18.95 7.64 18.79
CA ILE A 1161 -19.85 8.69 19.27
C ILE A 1161 -19.08 9.97 19.53
N ALA A 1162 -17.89 9.87 20.12
CA ALA A 1162 -17.09 11.05 20.42
C ALA A 1162 -16.60 11.75 19.17
N TYR A 1163 -16.63 11.09 18.01
CA TYR A 1163 -16.27 11.75 16.77
C TYR A 1163 -17.16 12.94 16.46
N GLY A 1164 -18.36 13.01 17.05
CA GLY A 1164 -19.25 14.11 16.75
C GLY A 1164 -18.76 15.44 17.28
N HIS A 1165 -18.18 15.45 18.49
CA HIS A 1165 -17.73 16.66 19.14
C HIS A 1165 -16.24 16.57 19.40
N GLU A 1166 -15.56 17.72 19.36
CA GLU A 1166 -14.11 17.74 19.54
C GLU A 1166 -13.71 17.10 20.86
N CYS A 1167 -14.14 17.69 21.98
CA CYS A 1167 -13.98 17.09 23.30
C CYS A 1167 -15.34 17.09 23.99
N ALA A 1168 -15.76 15.91 24.46
CA ALA A 1168 -17.07 15.77 25.06
C ALA A 1168 -17.05 14.86 26.28
N THR A 1169 -15.91 14.79 26.98
CA THR A 1169 -15.68 13.98 28.18
C THR A 1169 -16.39 12.63 28.11
N GLU A 1170 -17.06 12.23 29.18
CA GLU A 1170 -17.79 10.97 29.22
C GLU A 1170 -19.28 11.15 29.44
N ALA A 1171 -19.69 12.09 30.29
CA ALA A 1171 -21.11 12.27 30.59
C ALA A 1171 -21.89 12.68 29.35
N GLU A 1172 -21.31 13.55 28.52
CA GLU A 1172 -22.01 13.98 27.30
C GLU A 1172 -22.22 12.82 26.34
N ILE A 1173 -21.23 11.92 26.23
CA ILE A 1173 -21.37 10.75 25.37
C ILE A 1173 -22.51 9.86 25.86
N ILE A 1174 -22.57 9.63 27.18
CA ILE A 1174 -23.65 8.82 27.74
C ILE A 1174 -25.00 9.48 27.51
N GLN A 1175 -25.07 10.81 27.67
CA GLN A 1175 -26.32 11.51 27.44
C GLN A 1175 -26.78 11.40 26.00
N ALA A 1176 -25.85 11.55 25.05
CA ALA A 1176 -26.19 11.39 23.64
C ALA A 1176 -26.66 9.97 23.36
N ALA A 1177 -25.97 8.97 23.92
CA ALA A 1177 -26.37 7.58 23.71
C ALA A 1177 -27.78 7.32 24.24
N THR A 1178 -28.08 7.84 25.43
CA THR A 1178 -29.43 7.68 25.98
C THR A 1178 -30.46 8.41 25.12
N LEU A 1179 -30.12 9.62 24.65
CA LEU A 1179 -31.05 10.38 23.85
C LEU A 1179 -31.28 9.76 22.49
N ALA A 1180 -30.36 8.91 22.02
CA ALA A 1180 -30.57 8.11 20.82
C ALA A 1180 -31.19 6.75 21.14
N SER A 1181 -31.53 6.50 22.41
CA SER A 1181 -32.06 5.21 22.85
C SER A 1181 -31.12 4.07 22.49
N ALA A 1182 -29.82 4.34 22.59
CA ALA A 1182 -28.79 3.35 22.30
C ALA A 1182 -28.04 2.89 23.53
N HIS A 1183 -28.28 3.50 24.70
CA HIS A 1183 -27.51 3.16 25.89
C HIS A 1183 -27.77 1.73 26.34
N LYS A 1184 -28.99 1.23 26.16
CA LYS A 1184 -29.34 -0.10 26.68
C LYS A 1184 -28.49 -1.18 26.05
N PHE A 1185 -28.43 -1.23 24.71
CA PHE A 1185 -27.69 -2.30 24.06
C PHE A 1185 -26.18 -2.11 24.20
N ILE A 1186 -25.70 -0.87 24.24
CA ILE A 1186 -24.28 -0.63 24.43
C ILE A 1186 -23.85 -1.11 25.81
N SER A 1187 -24.63 -0.78 26.84
CA SER A 1187 -24.33 -1.26 28.18
C SER A 1187 -24.48 -2.77 28.29
N ALA A 1188 -25.41 -3.35 27.53
CA ALA A 1188 -25.57 -4.80 27.54
C ALA A 1188 -24.41 -5.54 26.89
N LEU A 1189 -23.57 -4.83 26.14
CA LEU A 1189 -22.41 -5.45 25.52
C LEU A 1189 -21.37 -5.81 26.58
N PRO A 1190 -20.58 -6.86 26.35
CA PRO A 1190 -19.59 -7.26 27.37
C PRO A 1190 -18.60 -6.16 27.72
N GLU A 1191 -18.15 -5.38 26.74
CA GLU A 1191 -17.20 -4.32 26.98
C GLU A 1191 -17.83 -2.93 26.97
N GLY A 1192 -19.14 -2.84 26.81
CA GLY A 1192 -19.79 -1.55 26.83
C GLY A 1192 -19.36 -0.68 25.67
N TYR A 1193 -18.98 0.56 25.99
CA TYR A 1193 -18.63 1.54 24.97
C TYR A 1193 -17.28 1.27 24.31
N LYS A 1194 -16.50 0.31 24.83
CA LYS A 1194 -15.19 0.02 24.29
C LYS A 1194 -15.20 -1.17 23.33
N THR A 1195 -16.37 -1.63 22.92
CA THR A 1195 -16.46 -2.77 22.01
C THR A 1195 -16.08 -2.34 20.59
N TYR A 1196 -15.16 -3.09 19.98
CA TYR A 1196 -14.78 -2.81 18.60
C TYR A 1196 -15.91 -3.23 17.67
N VAL A 1197 -16.29 -2.33 16.76
CA VAL A 1197 -17.51 -2.51 15.97
C VAL A 1197 -17.26 -3.14 14.61
N GLY A 1198 -16.01 -3.31 14.20
CA GLY A 1198 -15.69 -3.91 12.92
C GLY A 1198 -15.14 -2.88 11.94
N GLU A 1199 -14.85 -3.38 10.73
CA GLU A 1199 -14.19 -2.56 9.72
C GLU A 1199 -15.05 -1.35 9.34
N ARG A 1200 -16.35 -1.56 9.14
CA ARG A 1200 -17.28 -0.49 8.82
C ARG A 1200 -18.51 -0.55 9.72
N GLY A 1201 -18.33 -0.97 10.97
CA GLY A 1201 -19.47 -1.29 11.80
C GLY A 1201 -20.13 -2.60 11.45
N VAL A 1202 -19.40 -3.50 10.78
CA VAL A 1202 -19.98 -4.76 10.34
C VAL A 1202 -20.39 -5.63 11.53
N GLN A 1203 -19.66 -5.53 12.64
CA GLN A 1203 -19.99 -6.33 13.81
C GLN A 1203 -21.06 -5.65 14.65
N LEU A 1204 -22.14 -5.22 13.99
CA LEU A 1204 -23.28 -4.61 14.64
C LEU A 1204 -24.47 -4.75 13.70
N SER A 1205 -25.67 -4.64 14.26
CA SER A 1205 -26.86 -4.64 13.43
C SER A 1205 -27.07 -3.25 12.82
N GLY A 1206 -27.94 -3.20 11.82
CA GLY A 1206 -28.22 -1.92 11.17
C GLY A 1206 -28.84 -0.91 12.11
N GLY A 1207 -29.81 -1.34 12.92
CA GLY A 1207 -30.43 -0.44 13.87
C GLY A 1207 -29.46 0.10 14.89
N GLN A 1208 -28.58 -0.76 15.42
CA GLN A 1208 -27.57 -0.31 16.37
C GLN A 1208 -26.61 0.69 15.73
N LYS A 1209 -26.17 0.41 14.50
CA LYS A 1209 -25.25 1.32 13.81
C LYS A 1209 -25.91 2.68 13.60
N GLN A 1210 -27.16 2.69 13.15
CA GLN A 1210 -27.82 3.96 12.87
C GLN A 1210 -28.14 4.71 14.15
N ARG A 1211 -28.45 4.00 15.24
CA ARG A 1211 -28.63 4.66 16.51
C ARG A 1211 -27.33 5.27 17.02
N ILE A 1212 -26.20 4.60 16.78
CA ILE A 1212 -24.91 5.18 17.16
C ILE A 1212 -24.62 6.42 16.33
N ALA A 1213 -24.94 6.39 15.04
CA ALA A 1213 -24.75 7.57 14.20
C ALA A 1213 -25.64 8.72 14.67
N ILE A 1214 -26.88 8.41 15.05
CA ILE A 1214 -27.77 9.44 15.58
C ILE A 1214 -27.21 10.02 16.88
N ALA A 1215 -26.65 9.16 17.73
CA ALA A 1215 -26.04 9.64 18.97
C ALA A 1215 -24.86 10.56 18.69
N ARG A 1216 -24.06 10.22 17.66
CA ARG A 1216 -22.95 11.09 17.27
C ARG A 1216 -23.45 12.45 16.80
N ALA A 1217 -24.46 12.44 15.93
CA ALA A 1217 -25.03 13.70 15.46
C ALA A 1217 -25.64 14.51 16.59
N LEU A 1218 -26.16 13.83 17.62
CA LEU A 1218 -26.73 14.52 18.76
C LEU A 1218 -25.65 15.12 19.65
N VAL A 1219 -24.55 14.38 19.87
CA VAL A 1219 -23.48 14.89 20.71
C VAL A 1219 -22.73 16.01 20.00
N ARG A 1220 -22.83 16.11 18.67
CA ARG A 1220 -22.31 17.29 17.99
C ARG A 1220 -22.96 18.57 18.53
N LYS A 1221 -24.27 18.50 18.82
CA LYS A 1221 -25.01 19.62 19.41
C LYS A 1221 -24.89 20.88 18.55
N ALA A 1222 -25.41 20.78 17.33
CA ALA A 1222 -25.30 21.85 16.35
C ALA A 1222 -26.59 22.63 16.25
N GLU A 1223 -26.48 23.86 15.75
CA GLU A 1223 -27.67 24.70 15.58
C GLU A 1223 -28.50 24.24 14.39
N ILE A 1224 -27.86 23.75 13.34
CA ILE A 1224 -28.56 23.27 12.15
C ILE A 1224 -28.34 21.78 11.99
N MET A 1225 -29.26 20.98 12.54
CA MET A 1225 -29.20 19.52 12.40
C MET A 1225 -29.93 19.15 11.11
N LEU A 1226 -29.15 18.85 10.07
CA LEU A 1226 -29.74 18.56 8.76
C LEU A 1226 -30.62 17.32 8.81
N LEU A 1227 -30.12 16.26 9.44
CA LEU A 1227 -30.84 15.00 9.56
C LEU A 1227 -31.17 14.39 8.21
N ASP A 1228 -31.80 13.22 8.22
CA ASP A 1228 -32.17 12.51 7.00
C ASP A 1228 -33.15 11.41 7.40
N GLU A 1229 -33.40 10.48 6.47
CA GLU A 1229 -34.17 9.30 6.81
C GLU A 1229 -33.31 8.39 7.68
N ALA A 1230 -33.16 8.78 8.95
CA ALA A 1230 -32.37 8.03 9.91
C ALA A 1230 -33.23 7.13 10.79
N THR A 1231 -34.54 7.13 10.59
CA THR A 1231 -35.44 6.27 11.35
C THR A 1231 -35.65 4.91 10.71
N SER A 1232 -35.13 4.70 9.49
CA SER A 1232 -35.21 3.40 8.86
C SER A 1232 -34.39 2.38 9.65
N ALA A 1233 -34.47 1.12 9.22
CA ALA A 1233 -33.73 0.02 9.84
C ALA A 1233 -34.00 -0.09 11.33
N LEU A 1234 -35.10 0.50 11.80
CA LEU A 1234 -35.45 0.54 13.21
C LEU A 1234 -36.88 0.04 13.39
N ASP A 1235 -37.11 -0.69 14.49
CA ASP A 1235 -38.42 -1.20 14.78
C ASP A 1235 -39.39 -0.05 15.07
N ALA A 1236 -40.69 -0.36 14.98
CA ALA A 1236 -41.71 0.67 15.17
C ALA A 1236 -41.60 1.31 16.55
N GLU A 1237 -41.39 0.50 17.59
CA GLU A 1237 -41.20 1.05 18.92
C GLU A 1237 -39.90 1.83 19.02
N SER A 1238 -38.81 1.27 18.49
CA SER A 1238 -37.53 1.98 18.48
C SER A 1238 -37.62 3.25 17.65
N GLU A 1239 -38.28 3.17 16.49
CA GLU A 1239 -38.45 4.35 15.65
C GLU A 1239 -39.23 5.44 16.38
N ARG A 1240 -40.32 5.05 17.06
CA ARG A 1240 -41.11 6.03 17.80
C ARG A 1240 -40.30 6.67 18.92
N SER A 1241 -39.54 5.86 19.67
CA SER A 1241 -38.73 6.41 20.74
C SER A 1241 -37.68 7.37 20.21
N VAL A 1242 -36.98 6.98 19.13
CA VAL A 1242 -35.95 7.85 18.57
C VAL A 1242 -36.55 9.13 18.02
N GLN A 1243 -37.69 9.03 17.34
CA GLN A 1243 -38.33 10.22 16.78
C GLN A 1243 -38.79 11.17 17.89
N GLU A 1244 -39.38 10.64 18.96
CA GLU A 1244 -39.79 11.49 20.06
C GLU A 1244 -38.59 12.17 20.71
N ALA A 1245 -37.51 11.42 20.94
CA ALA A 1245 -36.32 12.01 21.53
C ALA A 1245 -35.71 13.07 20.64
N LEU A 1246 -35.67 12.82 19.32
CA LEU A 1246 -35.14 13.79 18.38
C LEU A 1246 -36.00 15.05 18.33
N ASP A 1247 -37.32 14.90 18.39
CA ASP A 1247 -38.20 16.04 18.42
C ASP A 1247 -38.00 16.87 19.68
N GLN A 1248 -37.81 16.20 20.82
CA GLN A 1248 -37.56 16.92 22.07
C GLN A 1248 -36.21 17.63 22.04
N ALA A 1249 -35.20 17.00 21.46
CA ALA A 1249 -33.86 17.58 21.46
C ALA A 1249 -33.75 18.73 20.46
N CYS A 1250 -34.38 18.60 19.30
CA CYS A 1250 -34.24 19.57 18.22
C CYS A 1250 -35.25 20.70 18.29
N SER A 1251 -36.06 20.77 19.34
CA SER A 1251 -36.98 21.88 19.49
C SER A 1251 -36.21 23.20 19.58
N GLY A 1252 -36.65 24.19 18.80
CA GLY A 1252 -35.98 25.46 18.73
C GLY A 1252 -34.82 25.50 17.76
N ARG A 1253 -34.46 24.38 17.15
CA ARG A 1253 -33.38 24.31 16.17
C ARG A 1253 -33.94 23.85 14.83
N THR A 1254 -33.41 24.44 13.75
CA THR A 1254 -33.88 24.12 12.42
C THR A 1254 -33.45 22.70 12.03
N SER A 1255 -34.31 22.01 11.27
CA SER A 1255 -34.04 20.67 10.80
C SER A 1255 -34.45 20.56 9.34
N ILE A 1256 -33.69 19.76 8.58
CA ILE A 1256 -33.91 19.60 7.15
C ILE A 1256 -34.15 18.12 6.91
N VAL A 1257 -34.75 17.45 7.90
CA VAL A 1257 -34.90 16.01 7.86
C VAL A 1257 -35.71 15.59 6.64
N VAL A 1258 -35.23 14.56 5.94
CA VAL A 1258 -35.93 13.97 4.81
C VAL A 1258 -36.60 12.70 5.27
N ALA A 1259 -37.81 12.46 4.78
CA ALA A 1259 -38.60 11.30 5.20
C ALA A 1259 -39.18 10.59 3.99
N HIS A 1260 -39.21 9.26 4.06
CA HIS A 1260 -39.84 8.45 3.04
C HIS A 1260 -41.21 7.93 3.47
N ARG A 1261 -41.44 7.82 4.77
CA ARG A 1261 -42.75 7.48 5.32
C ARG A 1261 -43.40 8.75 5.85
N LEU A 1262 -44.55 9.10 5.29
CA LEU A 1262 -45.18 10.38 5.61
C LEU A 1262 -45.77 10.43 7.01
N SER A 1263 -45.92 9.29 7.68
CA SER A 1263 -46.44 9.31 9.04
C SER A 1263 -45.43 9.88 10.02
N THR A 1264 -44.14 9.74 9.71
CA THR A 1264 -43.10 10.28 10.59
C THR A 1264 -43.16 11.79 10.67
N ILE A 1265 -43.37 12.46 9.54
CA ILE A 1265 -43.40 13.93 9.50
C ILE A 1265 -44.85 14.33 9.74
N ARG A 1266 -45.20 14.42 11.03
CA ARG A 1266 -46.53 14.83 11.44
C ARG A 1266 -46.62 16.30 11.80
N ASN A 1267 -45.58 16.86 12.40
CA ASN A 1267 -45.53 18.26 12.80
C ASN A 1267 -44.30 18.94 12.22
N ALA A 1268 -43.97 18.62 10.98
CA ALA A 1268 -42.77 19.14 10.32
C ALA A 1268 -42.96 20.55 9.76
N HIS A 1269 -44.01 21.27 10.19
CA HIS A 1269 -44.26 22.63 9.76
C HIS A 1269 -44.34 22.73 8.24
N VAL A 1270 -43.24 23.16 7.62
CA VAL A 1270 -43.19 23.32 6.17
C VAL A 1270 -42.87 21.97 5.53
N ILE A 1271 -43.64 21.61 4.51
CA ILE A 1271 -43.45 20.37 3.76
C ILE A 1271 -43.08 20.74 2.34
N ALA A 1272 -41.93 20.28 1.87
CA ALA A 1272 -41.41 20.63 0.56
C ALA A 1272 -41.24 19.37 -0.28
N VAL A 1273 -41.79 19.40 -1.49
CA VAL A 1273 -41.65 18.31 -2.44
C VAL A 1273 -40.65 18.72 -3.51
N ILE A 1274 -39.93 17.73 -4.03
CA ILE A 1274 -39.00 17.97 -5.13
C ILE A 1274 -39.51 17.24 -6.37
N ASP A 1275 -40.24 17.95 -7.22
CA ASP A 1275 -40.79 17.41 -8.45
C ASP A 1275 -40.12 18.09 -9.65
N ASP A 1276 -39.74 17.28 -10.64
CA ASP A 1276 -39.06 17.74 -11.85
C ASP A 1276 -37.73 18.43 -11.54
N GLY A 1277 -37.19 18.21 -10.34
CA GLY A 1277 -35.97 18.88 -9.93
C GLY A 1277 -36.13 20.37 -9.73
N LYS A 1278 -37.36 20.85 -9.57
CA LYS A 1278 -37.63 22.29 -9.47
C LYS A 1278 -38.43 22.59 -8.20
N VAL A 1279 -38.91 23.83 -8.09
CA VAL A 1279 -39.70 24.25 -6.94
C VAL A 1279 -41.10 23.64 -7.09
N ALA A 1280 -41.38 22.60 -6.31
CA ALA A 1280 -42.71 22.02 -6.26
C ALA A 1280 -43.50 22.68 -5.12
N GLU A 1281 -44.65 22.10 -4.77
CA GLU A 1281 -45.46 22.64 -3.70
C GLU A 1281 -44.69 22.64 -2.39
N GLN A 1282 -44.72 23.78 -1.68
CA GLN A 1282 -43.97 23.95 -0.44
C GLN A 1282 -44.82 24.33 0.75
N GLY A 1283 -46.06 24.78 0.55
CA GLY A 1283 -46.88 25.20 1.68
C GLY A 1283 -47.17 24.07 2.65
N SER A 1284 -47.58 22.92 2.12
CA SER A 1284 -47.87 21.75 2.94
C SER A 1284 -47.99 20.50 2.09
MG MG B . -30.93 -6.97 10.10
MG MG C . -30.54 9.56 -0.13
PG ANP D . -31.57 -5.31 12.86
O1G ANP D . -33.02 -5.34 13.25
O2G ANP D . -31.04 -3.92 13.12
O3G ANP D . -31.47 -5.59 11.39
PB ANP D . -30.99 -8.03 13.72
O1B ANP D . -30.94 -8.59 12.32
O2B ANP D . -32.17 -8.37 14.58
N3B ANP D . -30.72 -6.42 13.71
PA ANP D . -28.26 -9.16 14.07
O1A ANP D . -27.36 -7.98 14.04
O2A ANP D . -28.35 -10.00 12.84
O3A ANP D . -29.75 -8.70 14.48
O5' ANP D . -27.88 -10.10 15.31
C5' ANP D . -28.02 -9.59 16.65
C4' ANP D . -26.68 -9.12 17.17
O4' ANP D . -25.62 -9.65 16.34
C3' ANP D . -26.43 -7.61 17.21
O3' ANP D . -26.50 -7.12 18.55
C2' ANP D . -25.04 -7.43 16.60
O2' ANP D . -24.20 -6.56 17.34
C1' ANP D . -24.49 -8.85 16.56
N9 ANP D . -23.54 -9.09 15.49
C8 ANP D . -23.80 -9.14 14.15
N7 ANP D . -22.72 -9.38 13.43
C5 ANP D . -21.70 -9.52 14.37
C6 ANP D . -20.33 -9.80 14.26
N6 ANP D . -19.71 -9.99 13.09
N1 ANP D . -19.61 -9.86 15.40
C2 ANP D . -20.24 -9.67 16.57
N3 ANP D . -21.53 -9.40 16.79
C4 ANP D . -22.21 -9.35 15.64
PG ANP E . -33.11 8.45 -2.08
O1G ANP E . -32.53 8.42 -0.68
O2G ANP E . -34.57 8.80 -1.97
O3G ANP E . -32.99 7.08 -2.70
PB ANP E . -32.45 11.19 -2.80
O1B ANP E . -31.91 11.60 -1.46
O2B ANP E . -33.76 11.76 -3.25
N3B ANP E . -32.35 9.57 -2.99
PA ANP E . -29.79 11.62 -3.99
O1A ANP E . -29.32 10.53 -3.10
O2A ANP E . -29.22 12.98 -3.83
O3A ANP E . -31.40 11.73 -3.89
O5' ANP E . -29.62 11.17 -5.52
C5' ANP E . -30.21 11.97 -6.57
C4' ANP E . -29.42 11.76 -7.85
O4' ANP E . -28.05 12.16 -7.63
C3' ANP E . -29.37 10.32 -8.38
O3' ANP E . -29.68 10.29 -9.77
C2' ANP E . -27.91 9.92 -8.14
O2' ANP E . -27.43 8.95 -9.05
C1' ANP E . -27.20 11.25 -8.29
N9 ANP E . -25.91 11.31 -7.64
C8 ANP E . -25.65 11.37 -6.29
N7 ANP E . -24.36 11.42 -6.02
C5 ANP E . -23.75 11.41 -7.27
C6 ANP E . -22.40 11.45 -7.67
N6 ANP E . -21.38 11.51 -6.81
N1 ANP E . -22.14 11.42 -8.99
C2 ANP E . -23.17 11.36 -9.85
N3 ANP E . -24.47 11.31 -9.60
C4 ANP E . -24.69 11.34 -8.27
#